data_1IVD
#
_entry.id   1IVD
#
_cell.length_a   120.420
_cell.length_b   139.830
_cell.length_c   140.070
_cell.angle_alpha   90.00
_cell.angle_beta   90.00
_cell.angle_gamma   90.00
#
_symmetry.space_group_name_H-M   'C 2 2 21'
#
loop_
_entity.id
_entity.type
_entity.pdbx_description
1 polymer 'INFLUENZA A SUBTYPE N2 NEURAMINIDASE'
2 branched 2-acetamido-2-deoxy-beta-D-glucopyranose-(1-4)-2-acetamido-2-deoxy-beta-D-glucopyranose
3 branched beta-D-mannopyranose-(1-4)-2-acetamido-2-deoxy-beta-D-glucopyranose-(1-4)-[beta-L-fucopyranose-(1-6)]2-acetamido-2-deoxy-beta-D-glucopyranose
4 branched alpha-D-mannopyranose-(1-2)-alpha-D-mannopyranose-(1-3)-beta-D-mannopyranose-(1-4)-2-acetamido-2-deoxy-beta-D-glucopyranose-(1-4)-[alpha-D-mannopyranose-(1-6)]2-acetamido-2-deoxy-beta-D-glucopyranose
5 branched beta-D-mannopyranose-(1-4)-2-acetamido-2-deoxy-beta-D-glucopyranose-(1-4)-[alpha-L-fucopyranose-(1-6)]2-acetamido-2-deoxy-beta-D-glucopyranose
6 non-polymer 'CALCIUM ION'
7 non-polymer '4-(ACETYLAMINO)-3-HYDROXY-5-NITROBENZOIC ACID'
8 water water
#
_entity_poly.entity_id   1
_entity_poly.type   'polypeptide(L)'
_entity_poly.pdbx_seq_one_letter_code
;VEYRNWSKPQCQITGFAPFSKDNSIRLSAGGDIWVTREPYVSCDPVKCYQFALGQGTTLDNKHSNDTVHDRIPHRTLLMN
ELGVPFHLGTRQVCIAWSSSSCHDGKAWLHVCITGDDKNATASFIYDGRLVDSIGSWSQNILRTQESECVCINGTCTVVM
TDGSASGRADTRILFIEEGKIVHISPLAGSAQHVEECSCYPRYPGVRCICRDNWKGSNRPVVDINMEDYSIDSSYVCSGL
VGDTPRNDDRSSNSNCRDPNNERGTQGVKGWAFDNGNDLWMGRTISKDLRSGYETFKVIGGWSTPNSKSQINRQVIVDSD
NRSGYSGIFSVEGKSCINRCFYVELIRGRKQETRVWWTSNSIVVFCGTSGTYGTGSWPDGANINFMPI
;
_entity_poly.pdbx_strand_id   A,B
#
# COMPACT_ATOMS: atom_id res chain seq x y z
N VAL A 1 9.76 -25.09 -4.14
CA VAL A 1 9.45 -24.15 -5.26
C VAL A 1 10.69 -23.76 -6.10
N GLU A 2 10.77 -24.28 -7.32
CA GLU A 2 11.83 -23.92 -8.24
C GLU A 2 11.31 -22.65 -8.92
N TYR A 3 12.03 -22.05 -9.88
CA TYR A 3 11.50 -20.82 -10.47
C TYR A 3 10.70 -20.89 -11.75
N ARG A 4 10.00 -19.78 -12.00
CA ARG A 4 9.17 -19.60 -13.18
C ARG A 4 10.11 -19.09 -14.27
N ASN A 5 10.53 -20.01 -15.13
CA ASN A 5 11.46 -19.75 -16.24
C ASN A 5 10.80 -19.73 -17.63
N TRP A 6 9.49 -19.96 -17.69
CA TRP A 6 8.73 -19.96 -18.95
C TRP A 6 9.18 -20.79 -20.18
N SER A 7 10.25 -21.57 -20.08
CA SER A 7 10.68 -22.40 -21.23
C SER A 7 9.53 -23.33 -21.59
N LYS A 8 8.74 -22.98 -22.61
CA LYS A 8 7.59 -23.78 -23.03
C LYS A 8 6.85 -22.96 -24.12
N PRO A 9 6.46 -23.61 -25.23
CA PRO A 9 5.77 -22.96 -26.36
C PRO A 9 4.47 -22.21 -26.10
N GLN A 10 4.27 -21.11 -26.81
CA GLN A 10 3.02 -20.36 -26.66
C GLN A 10 2.02 -21.20 -27.40
N CYS A 11 0.74 -21.01 -27.10
CA CYS A 11 -0.30 -21.79 -27.76
C CYS A 11 -0.77 -21.19 -29.09
N GLN A 12 -0.94 -22.06 -30.08
CA GLN A 12 -1.45 -21.66 -31.38
C GLN A 12 -2.96 -21.51 -31.17
N ILE A 13 -3.36 -20.34 -30.66
CA ILE A 13 -4.76 -20.04 -30.38
C ILE A 13 -5.58 -19.93 -31.66
N THR A 14 -6.91 -19.89 -31.51
CA THR A 14 -7.82 -19.80 -32.65
C THR A 14 -8.88 -18.73 -32.42
N GLY A 15 -8.73 -18.02 -31.31
CA GLY A 15 -9.68 -16.97 -30.96
C GLY A 15 -9.90 -16.97 -29.45
N PHE A 16 -10.77 -16.08 -28.99
CA PHE A 16 -11.00 -16.03 -27.55
C PHE A 16 -12.40 -16.40 -27.11
N ALA A 17 -12.44 -17.14 -25.99
CA ALA A 17 -13.67 -17.61 -25.31
C ALA A 17 -13.78 -16.86 -23.95
N PRO A 18 -15.01 -16.54 -23.48
CA PRO A 18 -15.18 -15.83 -22.21
C PRO A 18 -14.82 -16.57 -20.91
N PHE A 19 -14.16 -15.82 -20.02
CA PHE A 19 -13.65 -16.31 -18.75
C PHE A 19 -14.26 -15.63 -17.52
N SER A 20 -14.16 -14.31 -17.45
CA SER A 20 -14.66 -13.61 -16.27
C SER A 20 -15.19 -12.20 -16.45
N LYS A 21 -16.26 -11.94 -15.71
CA LYS A 21 -16.95 -10.65 -15.66
C LYS A 21 -17.21 -10.58 -14.17
N ASP A 22 -17.35 -9.39 -13.62
CA ASP A 22 -17.60 -9.29 -12.19
C ASP A 22 -18.81 -8.44 -11.87
N ASN A 23 -19.22 -7.64 -12.84
CA ASN A 23 -20.43 -6.84 -12.68
C ASN A 23 -20.26 -5.74 -11.64
N SER A 24 -19.01 -5.32 -11.43
CA SER A 24 -18.64 -4.30 -10.43
C SER A 24 -19.58 -3.13 -10.25
N ILE A 25 -20.06 -2.51 -11.34
CA ILE A 25 -20.99 -1.36 -11.24
C ILE A 25 -22.40 -1.78 -10.84
N ARG A 26 -22.92 -2.83 -11.47
CA ARG A 26 -24.25 -3.33 -11.17
C ARG A 26 -24.43 -3.54 -9.67
N LEU A 27 -23.58 -4.40 -9.10
CA LEU A 27 -23.64 -4.70 -7.70
C LEU A 27 -23.47 -3.40 -6.89
N SER A 28 -22.66 -2.48 -7.42
CA SER A 28 -22.42 -1.18 -6.79
C SER A 28 -23.71 -0.43 -6.47
N ALA A 29 -24.83 -0.87 -7.03
CA ALA A 29 -26.09 -0.21 -6.75
C ALA A 29 -26.79 -0.83 -5.54
N GLY A 30 -26.42 -2.07 -5.22
CA GLY A 30 -26.99 -2.77 -4.09
C GLY A 30 -26.00 -3.18 -3.01
N GLY A 31 -24.73 -2.80 -3.17
CA GLY A 31 -23.72 -3.14 -2.20
C GLY A 31 -22.63 -2.09 -2.10
N ASP A 32 -21.72 -2.25 -1.14
CA ASP A 32 -20.66 -1.28 -0.95
C ASP A 32 -19.44 -1.74 -1.71
N ILE A 33 -19.27 -1.18 -2.91
CA ILE A 33 -18.16 -1.54 -3.78
C ILE A 33 -17.19 -0.39 -3.95
N TRP A 34 -15.91 -0.73 -3.93
CA TRP A 34 -14.86 0.25 -4.11
C TRP A 34 -14.98 1.01 -5.41
N VAL A 35 -14.37 2.18 -5.45
CA VAL A 35 -14.33 3.01 -6.67
C VAL A 35 -13.00 2.64 -7.30
N THR A 36 -13.03 2.21 -8.56
CA THR A 36 -11.83 1.78 -9.24
C THR A 36 -11.55 2.47 -10.61
N ARG A 37 -10.62 1.85 -11.34
CA ARG A 37 -10.17 2.21 -12.68
C ARG A 37 -8.82 1.59 -12.88
N GLU A 38 -8.35 1.58 -14.14
CA GLU A 38 -7.01 1.07 -14.50
C GLU A 38 -6.69 -0.28 -13.87
N PRO A 39 -7.58 -1.28 -14.09
CA PRO A 39 -7.47 -2.66 -13.58
C PRO A 39 -6.49 -3.51 -14.37
N TYR A 40 -6.46 -4.79 -14.06
CA TYR A 40 -5.62 -5.77 -14.73
C TYR A 40 -5.64 -7.03 -13.91
N VAL A 41 -5.36 -8.17 -14.52
CA VAL A 41 -5.37 -9.38 -13.73
C VAL A 41 -4.09 -10.17 -14.00
N SER A 42 -3.62 -10.87 -12.98
CA SER A 42 -2.38 -11.62 -13.02
C SER A 42 -2.54 -12.80 -12.09
N CYS A 43 -1.73 -13.84 -12.28
CA CYS A 43 -1.84 -15.06 -11.48
C CYS A 43 -0.54 -15.73 -11.11
N ASP A 44 -0.57 -16.45 -9.98
CA ASP A 44 0.58 -17.23 -9.51
C ASP A 44 0.36 -18.67 -10.02
N PRO A 45 1.26 -19.58 -9.69
CA PRO A 45 0.99 -20.93 -10.21
C PRO A 45 -0.36 -21.57 -9.82
N VAL A 46 -1.20 -20.88 -9.04
CA VAL A 46 -2.51 -21.41 -8.64
C VAL A 46 -3.75 -20.55 -8.97
N LYS A 47 -3.85 -19.37 -8.38
CA LYS A 47 -5.01 -18.52 -8.63
C LYS A 47 -4.74 -17.27 -9.45
N CYS A 48 -5.74 -16.86 -10.24
CA CYS A 48 -5.69 -15.62 -11.01
C CYS A 48 -6.35 -14.54 -10.15
N TYR A 49 -5.66 -13.44 -9.92
CA TYR A 49 -6.21 -12.37 -9.11
C TYR A 49 -6.53 -11.19 -10.00
N GLN A 50 -7.29 -10.23 -9.47
CA GLN A 50 -7.68 -9.08 -10.26
C GLN A 50 -7.33 -7.82 -9.47
N PHE A 51 -6.57 -6.94 -10.12
CA PHE A 51 -6.14 -5.69 -9.52
C PHE A 51 -6.84 -4.53 -10.13
N ALA A 52 -6.49 -3.37 -9.58
CA ALA A 52 -7.05 -2.07 -9.98
C ALA A 52 -6.69 -1.08 -8.87
N LEU A 53 -6.78 0.20 -9.22
CA LEU A 53 -6.49 1.26 -8.30
C LEU A 53 -7.82 1.87 -7.90
N GLY A 54 -7.98 2.09 -6.59
CA GLY A 54 -9.21 2.66 -6.08
C GLY A 54 -9.17 4.18 -5.98
N GLN A 55 -10.13 4.74 -5.26
CA GLN A 55 -10.19 6.17 -5.04
C GLN A 55 -10.58 6.34 -3.59
N GLY A 56 -9.80 5.68 -2.73
CA GLY A 56 -9.97 5.71 -1.28
C GLY A 56 -11.40 5.79 -0.79
N THR A 57 -12.33 5.23 -1.55
CA THR A 57 -13.72 5.26 -1.13
C THR A 57 -14.54 4.16 -1.74
N THR A 58 -15.85 4.36 -1.73
CA THR A 58 -16.83 3.44 -2.25
C THR A 58 -17.70 4.33 -3.09
N LEU A 59 -18.51 3.73 -3.92
CA LEU A 59 -19.44 4.42 -4.79
C LEU A 59 -20.62 5.11 -4.10
N ASP A 60 -21.29 4.45 -3.15
CA ASP A 60 -22.44 5.09 -2.48
C ASP A 60 -22.00 6.02 -1.33
N ASN A 61 -20.80 6.56 -1.54
CA ASN A 61 -20.14 7.48 -0.64
C ASN A 61 -20.22 8.82 -1.31
N LYS A 62 -20.70 9.82 -0.59
CA LYS A 62 -20.77 11.18 -1.10
C LYS A 62 -19.39 11.69 -1.50
N HIS A 63 -18.35 11.03 -1.00
CA HIS A 63 -16.95 11.38 -1.29
C HIS A 63 -16.63 11.23 -2.78
N SER A 64 -16.77 10.00 -3.28
CA SER A 64 -16.52 9.57 -4.67
C SER A 64 -16.60 10.59 -5.81
N ASN A 65 -17.49 11.58 -5.65
CA ASN A 65 -17.68 12.66 -6.61
C ASN A 65 -16.34 13.28 -7.09
N ASP A 66 -16.15 13.24 -8.40
CA ASP A 66 -14.95 13.73 -9.06
C ASP A 66 -13.85 12.66 -9.12
N THR A 67 -14.26 11.41 -9.33
CA THR A 67 -13.32 10.31 -9.42
C THR A 67 -12.65 10.26 -10.83
N VAL A 68 -12.99 11.26 -11.64
CA VAL A 68 -12.45 11.40 -12.98
C VAL A 68 -10.96 11.57 -12.93
N HIS A 69 -10.48 12.27 -11.91
CA HIS A 69 -9.04 12.52 -11.72
C HIS A 69 -8.31 11.27 -11.37
N ASP A 70 -7.19 11.04 -12.05
CA ASP A 70 -6.37 9.85 -11.88
C ASP A 70 -5.51 9.75 -10.62
N ARG A 71 -5.04 10.87 -10.10
CA ARG A 71 -4.17 10.82 -8.92
C ARG A 71 -4.65 11.66 -7.74
N ILE A 72 -4.44 11.12 -6.55
CA ILE A 72 -4.77 11.74 -5.28
C ILE A 72 -4.12 10.85 -4.23
N PRO A 73 -3.77 11.42 -3.07
CA PRO A 73 -3.13 10.61 -2.04
C PRO A 73 -3.84 9.30 -1.73
N HIS A 74 -5.14 9.40 -1.45
CA HIS A 74 -5.98 8.26 -1.09
C HIS A 74 -6.39 7.27 -2.17
N ARG A 75 -5.44 6.74 -2.93
CA ARG A 75 -5.73 5.75 -3.97
C ARG A 75 -4.83 4.60 -3.65
N THR A 76 -5.40 3.41 -3.64
CA THR A 76 -4.61 2.25 -3.27
C THR A 76 -4.82 1.04 -4.23
N LEU A 77 -3.82 0.15 -4.25
CA LEU A 77 -3.82 -1.05 -5.09
C LEU A 77 -4.54 -2.26 -4.47
N LEU A 78 -5.72 -2.62 -5.01
CA LEU A 78 -6.51 -3.75 -4.49
C LEU A 78 -6.08 -5.11 -5.06
N MET A 79 -6.62 -6.17 -4.49
CA MET A 79 -6.28 -7.50 -4.95
C MET A 79 -7.37 -8.44 -4.45
N ASN A 80 -7.77 -9.40 -5.28
CA ASN A 80 -8.81 -10.36 -4.92
C ASN A 80 -8.68 -11.53 -5.86
N GLU A 81 -9.30 -12.67 -5.56
CA GLU A 81 -9.18 -13.82 -6.44
C GLU A 81 -9.95 -13.44 -7.68
N LEU A 82 -9.67 -14.08 -8.81
CA LEU A 82 -10.42 -13.70 -10.00
C LEU A 82 -11.88 -14.16 -9.88
N GLY A 83 -12.79 -13.20 -9.66
CA GLY A 83 -14.20 -13.52 -9.58
C GLY A 83 -14.99 -12.77 -8.52
N VAL A 84 -14.31 -12.24 -7.51
CA VAL A 84 -15.06 -11.52 -6.47
C VAL A 84 -15.07 -10.01 -6.76
N PRO A 85 -16.16 -9.32 -6.42
CA PRO A 85 -16.24 -7.87 -6.65
C PRO A 85 -15.27 -7.19 -5.66
N PHE A 86 -15.01 -5.89 -5.82
CA PHE A 86 -14.09 -5.20 -4.90
C PHE A 86 -14.89 -4.64 -3.72
N HIS A 87 -14.89 -5.39 -2.61
CA HIS A 87 -15.72 -5.03 -1.44
C HIS A 87 -15.04 -4.41 -0.22
N LEU A 88 -15.87 -3.98 0.72
CA LEU A 88 -15.33 -3.42 1.94
C LEU A 88 -14.37 -4.39 2.66
N GLY A 89 -14.32 -5.62 2.20
CA GLY A 89 -13.43 -6.60 2.76
C GLY A 89 -12.22 -6.88 1.89
N THR A 90 -11.91 -5.96 0.97
CA THR A 90 -10.76 -6.11 0.07
C THR A 90 -9.56 -5.39 0.70
N ARG A 91 -8.34 -5.79 0.35
CA ARG A 91 -7.21 -5.11 0.95
C ARG A 91 -6.44 -4.15 0.04
N GLN A 92 -5.98 -3.07 0.65
CA GLN A 92 -5.20 -2.04 -0.01
C GLN A 92 -3.74 -2.49 0.18
N VAL A 93 -3.25 -3.28 -0.78
CA VAL A 93 -1.89 -3.86 -0.68
C VAL A 93 -0.74 -2.87 -0.70
N CYS A 94 -1.06 -1.62 -1.00
CA CYS A 94 -0.05 -0.56 -1.06
C CYS A 94 -0.76 0.69 -1.49
N ILE A 95 -0.11 1.83 -1.25
CA ILE A 95 -0.64 3.13 -1.70
C ILE A 95 -0.08 3.26 -3.12
N ALA A 96 -0.87 3.83 -4.02
CA ALA A 96 -0.39 4.01 -5.35
C ALA A 96 -1.41 4.64 -6.21
N TRP A 97 -0.93 5.13 -7.36
CA TRP A 97 -1.78 5.69 -8.37
C TRP A 97 -1.30 5.21 -9.75
N SER A 98 -0.64 4.05 -9.70
CA SER A 98 -0.04 3.36 -10.85
C SER A 98 0.57 2.06 -10.29
N SER A 99 0.92 1.09 -11.13
CA SER A 99 1.46 -0.18 -10.64
C SER A 99 1.86 -1.23 -11.67
N SER A 100 2.17 -2.42 -11.15
CA SER A 100 2.51 -3.57 -11.96
C SER A 100 2.69 -4.73 -11.01
N SER A 101 2.34 -5.93 -11.43
CA SER A 101 2.52 -7.05 -10.53
C SER A 101 2.86 -8.35 -11.27
N CYS A 102 3.84 -9.08 -10.76
CA CYS A 102 4.21 -10.34 -11.37
C CYS A 102 4.47 -11.31 -10.23
N HIS A 103 4.36 -12.58 -10.54
CA HIS A 103 4.64 -13.56 -9.54
C HIS A 103 5.85 -14.27 -10.08
N ASP A 104 7.01 -13.95 -9.48
CA ASP A 104 8.29 -14.52 -9.91
C ASP A 104 8.29 -16.01 -9.72
N GLY A 105 7.22 -16.53 -9.16
CA GLY A 105 7.13 -17.94 -8.92
C GLY A 105 6.98 -18.09 -7.41
N LYS A 106 7.99 -17.62 -6.69
CA LYS A 106 7.99 -17.74 -5.24
C LYS A 106 7.00 -16.86 -4.48
N ALA A 107 6.75 -15.65 -4.96
CA ALA A 107 5.87 -14.70 -4.29
C ALA A 107 5.75 -13.44 -5.16
N TRP A 108 5.04 -12.42 -4.64
CA TRP A 108 4.78 -11.16 -5.39
C TRP A 108 5.64 -9.91 -5.17
N LEU A 109 5.83 -9.19 -6.28
CA LEU A 109 6.55 -7.91 -6.35
C LEU A 109 5.38 -6.99 -6.76
N HIS A 110 5.22 -5.86 -6.08
CA HIS A 110 4.10 -4.94 -6.32
C HIS A 110 4.50 -3.49 -6.52
N VAL A 111 5.02 -3.11 -7.69
CA VAL A 111 5.41 -1.71 -7.85
C VAL A 111 4.16 -0.88 -7.77
N CYS A 112 4.16 0.09 -6.86
CA CYS A 112 3.03 1.02 -6.66
C CYS A 112 3.64 2.44 -6.62
N ILE A 113 3.02 3.38 -7.34
CA ILE A 113 3.52 4.75 -7.43
C ILE A 113 2.69 5.88 -6.76
N THR A 114 3.34 6.75 -6.00
CA THR A 114 2.62 7.88 -5.37
C THR A 114 3.56 9.03 -4.98
N GLY A 115 3.04 10.26 -5.00
CA GLY A 115 3.84 11.42 -4.60
C GLY A 115 3.30 12.66 -5.26
N ASP A 116 4.04 13.75 -5.31
CA ASP A 116 3.53 14.91 -6.03
C ASP A 116 3.72 14.49 -7.51
N ASP A 117 3.02 15.11 -8.44
CA ASP A 117 3.20 14.76 -9.86
C ASP A 117 4.70 14.99 -10.21
N LYS A 118 5.08 16.26 -10.03
CA LYS A 118 6.43 16.75 -10.26
C LYS A 118 7.53 16.05 -9.47
N ASN A 119 7.19 15.51 -8.33
CA ASN A 119 8.16 14.77 -7.52
C ASN A 119 7.33 13.73 -6.80
N ALA A 120 7.49 12.48 -7.19
CA ALA A 120 6.74 11.39 -6.60
C ALA A 120 7.72 10.31 -6.24
N THR A 121 7.20 9.27 -5.58
CA THR A 121 7.99 8.11 -5.13
C THR A 121 7.44 6.74 -5.64
N ALA A 122 8.30 5.73 -5.76
CA ALA A 122 7.88 4.38 -6.22
C ALA A 122 8.32 3.29 -5.25
N SER A 123 7.40 2.78 -4.44
CA SER A 123 7.80 1.73 -3.51
C SER A 123 7.82 0.38 -4.22
N PHE A 124 8.91 -0.35 -4.03
CA PHE A 124 9.06 -1.65 -4.62
C PHE A 124 8.88 -2.66 -3.53
N ILE A 125 7.64 -3.09 -3.34
CA ILE A 125 7.33 -4.10 -2.32
C ILE A 125 7.47 -5.52 -2.91
N TYR A 126 7.70 -6.49 -2.03
CA TYR A 126 7.87 -7.88 -2.40
C TYR A 126 7.73 -8.81 -1.19
N ASP A 127 6.89 -9.83 -1.33
CA ASP A 127 6.68 -10.79 -0.27
C ASP A 127 6.20 -10.10 1.00
N GLY A 128 5.56 -8.94 0.86
CA GLY A 128 5.10 -8.21 2.02
C GLY A 128 6.10 -7.16 2.51
N ARG A 129 7.40 -7.45 2.44
CA ARG A 129 8.40 -6.48 2.88
C ARG A 129 8.71 -5.48 1.77
N LEU A 130 9.28 -4.32 2.13
CA LEU A 130 9.62 -3.27 1.16
C LEU A 130 11.09 -3.36 0.90
N VAL A 131 11.41 -3.93 -0.25
CA VAL A 131 12.77 -4.19 -0.62
C VAL A 131 13.59 -3.02 -1.18
N ASP A 132 12.93 -2.06 -1.84
CA ASP A 132 13.64 -0.93 -2.47
C ASP A 132 12.79 0.32 -2.72
N SER A 133 13.38 1.31 -3.35
CA SER A 133 12.71 2.56 -3.69
C SER A 133 13.59 3.33 -4.67
N ILE A 134 12.95 3.98 -5.62
CA ILE A 134 13.66 4.78 -6.62
C ILE A 134 12.67 5.88 -6.93
N GLY A 135 13.13 7.13 -6.88
CA GLY A 135 12.22 8.26 -7.11
C GLY A 135 12.14 8.77 -8.54
N SER A 136 11.23 9.70 -8.77
CA SER A 136 11.02 10.31 -10.09
C SER A 136 12.33 10.85 -10.63
N TRP A 137 12.49 10.79 -11.95
CA TRP A 137 13.71 11.28 -12.59
C TRP A 137 13.61 12.49 -13.52
N SER A 138 12.43 12.85 -14.01
CA SER A 138 12.31 14.03 -14.90
C SER A 138 11.58 15.15 -14.18
N GLN A 139 10.87 14.77 -13.13
CA GLN A 139 10.10 15.71 -12.35
C GLN A 139 8.71 15.95 -12.94
N ASN A 140 8.25 15.09 -13.84
CA ASN A 140 6.88 15.24 -14.29
C ASN A 140 6.17 13.93 -14.48
N ILE A 141 5.74 13.40 -13.34
CA ILE A 141 4.95 12.19 -13.20
C ILE A 141 5.54 10.82 -13.57
N LEU A 142 5.97 10.09 -12.55
CA LEU A 142 6.53 8.76 -12.73
C LEU A 142 5.32 7.85 -12.83
N ARG A 143 5.17 7.19 -13.98
CA ARG A 143 4.05 6.31 -14.25
C ARG A 143 4.59 4.97 -14.73
N THR A 144 3.81 3.90 -14.55
CA THR A 144 4.21 2.56 -15.01
C THR A 144 3.08 1.88 -15.81
N GLN A 145 3.20 0.58 -15.97
CA GLN A 145 2.31 -0.25 -16.78
C GLN A 145 0.80 -0.32 -16.57
N GLU A 146 0.36 -0.61 -15.34
CA GLU A 146 -1.08 -0.76 -15.07
C GLU A 146 -1.44 -2.07 -15.77
N SER A 147 -0.55 -3.06 -15.64
CA SER A 147 -0.67 -4.37 -16.27
C SER A 147 0.29 -5.32 -15.55
N GLU A 148 0.22 -6.63 -15.83
CA GLU A 148 1.10 -7.55 -15.14
C GLU A 148 2.51 -7.52 -15.67
N CYS A 149 3.48 -7.45 -14.77
CA CYS A 149 4.87 -7.45 -15.19
C CYS A 149 5.22 -8.89 -15.48
N VAL A 150 6.42 -9.14 -15.97
CA VAL A 150 6.83 -10.48 -16.23
C VAL A 150 8.21 -10.77 -15.68
N CYS A 151 8.30 -11.95 -15.10
CA CYS A 151 9.49 -12.41 -14.46
C CYS A 151 9.87 -13.69 -15.20
N ILE A 152 11.16 -14.01 -15.21
CA ILE A 152 11.68 -15.23 -15.83
C ILE A 152 12.95 -15.53 -15.05
N ASN A 153 13.10 -16.79 -14.64
CA ASN A 153 14.27 -17.27 -13.90
C ASN A 153 14.47 -16.70 -12.51
N GLY A 154 13.95 -15.50 -12.28
CA GLY A 154 14.08 -14.86 -10.99
C GLY A 154 14.30 -13.37 -11.11
N THR A 155 14.07 -12.80 -12.30
CA THR A 155 14.26 -11.36 -12.53
C THR A 155 12.97 -10.79 -13.08
N CYS A 156 12.45 -9.76 -12.45
CA CYS A 156 11.20 -9.15 -12.91
C CYS A 156 11.39 -7.82 -13.62
N THR A 157 10.92 -7.74 -14.88
CA THR A 157 11.02 -6.50 -15.68
C THR A 157 9.83 -5.58 -15.37
N VAL A 158 10.00 -4.29 -15.64
CA VAL A 158 8.93 -3.33 -15.45
C VAL A 158 9.36 -2.01 -16.12
N VAL A 159 8.61 -1.58 -17.13
CA VAL A 159 8.97 -0.33 -17.83
C VAL A 159 8.40 0.95 -17.17
N MET A 160 9.22 2.00 -17.09
CA MET A 160 8.76 3.23 -16.44
C MET A 160 9.01 4.57 -17.16
N THR A 161 7.94 5.37 -17.23
CA THR A 161 7.99 6.66 -17.87
C THR A 161 7.84 7.79 -16.83
N ASP A 162 8.33 8.96 -17.22
CA ASP A 162 8.29 10.15 -16.40
C ASP A 162 8.81 11.09 -17.49
N GLY A 163 7.98 12.01 -17.93
CA GLY A 163 8.39 12.95 -18.97
C GLY A 163 7.25 13.86 -19.40
N SER A 164 6.88 13.77 -20.67
CA SER A 164 5.79 14.57 -21.19
C SER A 164 4.88 13.66 -22.05
N ALA A 165 3.68 13.39 -21.51
CA ALA A 165 2.66 12.52 -22.13
C ALA A 165 2.71 12.70 -23.62
N SER A 166 2.42 13.92 -24.06
CA SER A 166 2.49 14.23 -25.47
C SER A 166 3.76 15.08 -25.61
N GLY A 167 4.89 14.38 -25.65
CA GLY A 167 6.19 15.01 -25.79
C GLY A 167 7.19 13.87 -25.65
N ARG A 168 8.49 14.18 -25.51
CA ARG A 168 9.51 13.14 -25.33
C ARG A 168 9.33 12.66 -23.87
N ALA A 169 10.15 11.72 -23.45
CA ALA A 169 10.08 11.23 -22.08
C ALA A 169 11.20 10.27 -21.83
N ASP A 170 11.47 10.00 -20.57
CA ASP A 170 12.52 9.05 -20.28
C ASP A 170 11.79 7.75 -20.02
N THR A 171 12.23 6.73 -20.72
CA THR A 171 11.64 5.43 -20.54
C THR A 171 12.79 4.57 -20.10
N ARG A 172 12.61 3.98 -18.92
CA ARG A 172 13.61 3.10 -18.40
C ARG A 172 12.95 1.73 -18.18
N ILE A 173 13.76 0.67 -18.15
CA ILE A 173 13.23 -0.66 -17.94
C ILE A 173 13.98 -1.22 -16.76
N LEU A 174 13.38 -1.15 -15.58
CA LEU A 174 14.01 -1.67 -14.36
C LEU A 174 13.90 -3.19 -14.25
N PHE A 175 15.01 -3.82 -13.84
CA PHE A 175 15.15 -5.26 -13.64
C PHE A 175 15.41 -5.52 -12.15
N ILE A 176 14.31 -5.75 -11.45
CA ILE A 176 14.24 -5.95 -10.02
C ILE A 176 14.15 -7.40 -9.54
N GLU A 177 15.27 -7.97 -9.11
CA GLU A 177 15.31 -9.36 -8.65
C GLU A 177 15.00 -9.55 -7.18
N GLU A 178 13.70 -9.71 -6.85
CA GLU A 178 13.19 -9.87 -5.48
C GLU A 178 12.88 -8.56 -4.74
N GLY A 179 12.07 -7.71 -5.35
CA GLY A 179 11.76 -6.44 -4.71
C GLY A 179 12.97 -5.52 -4.65
N LYS A 180 14.09 -5.98 -5.18
CA LYS A 180 15.29 -5.17 -5.18
C LYS A 180 15.68 -4.87 -6.60
N ILE A 181 15.63 -3.59 -7.02
CA ILE A 181 16.04 -3.26 -8.39
C ILE A 181 17.52 -3.59 -8.46
N VAL A 182 17.93 -4.41 -9.42
CA VAL A 182 19.35 -4.73 -9.55
C VAL A 182 20.00 -4.22 -10.83
N HIS A 183 19.26 -3.56 -11.71
CA HIS A 183 19.85 -3.05 -12.93
C HIS A 183 18.77 -2.32 -13.68
N ILE A 184 19.09 -1.12 -14.16
CA ILE A 184 18.14 -0.35 -14.96
C ILE A 184 18.75 -0.29 -16.34
N SER A 185 17.91 -0.37 -17.37
CA SER A 185 18.35 -0.29 -18.76
C SER A 185 17.49 0.74 -19.51
N PRO A 186 18.12 1.78 -20.11
CA PRO A 186 17.50 2.88 -20.87
C PRO A 186 16.90 2.46 -22.19
N LEU A 187 15.75 3.06 -22.52
CA LEU A 187 15.06 2.70 -23.75
C LEU A 187 15.79 3.06 -25.05
N ALA A 188 15.62 2.17 -26.02
CA ALA A 188 16.20 2.32 -27.33
C ALA A 188 15.21 1.73 -28.34
N GLY A 189 15.13 2.32 -29.53
CA GLY A 189 14.25 1.81 -30.56
C GLY A 189 13.70 2.88 -31.49
N SER A 190 12.83 2.50 -32.41
CA SER A 190 12.24 3.47 -33.32
C SER A 190 11.16 4.19 -32.53
N ALA A 191 10.67 3.53 -31.46
CA ALA A 191 9.62 4.03 -30.57
C ALA A 191 9.75 5.48 -30.02
N GLN A 192 8.87 6.35 -30.49
CA GLN A 192 8.93 7.75 -30.07
C GLN A 192 8.26 8.06 -28.75
N HIS A 193 7.73 7.03 -28.13
CA HIS A 193 7.07 7.16 -26.83
C HIS A 193 6.76 5.73 -26.38
N VAL A 194 6.86 5.49 -25.08
CA VAL A 194 6.55 4.20 -24.49
C VAL A 194 5.78 4.58 -23.24
N GLU A 195 4.60 4.00 -23.09
CA GLU A 195 3.75 4.32 -21.97
C GLU A 195 2.65 3.30 -21.94
N GLU A 196 2.40 2.75 -20.75
CA GLU A 196 1.37 1.74 -20.51
C GLU A 196 1.63 0.42 -21.23
N CYS A 197 2.89 0.03 -21.23
CA CYS A 197 3.24 -1.20 -21.89
C CYS A 197 2.49 -2.40 -21.38
N SER A 198 2.05 -3.23 -22.33
CA SER A 198 1.36 -4.48 -22.05
C SER A 198 2.41 -5.52 -22.38
N CYS A 199 3.09 -6.02 -21.35
CA CYS A 199 4.19 -6.96 -21.52
C CYS A 199 3.89 -8.47 -21.29
N TYR A 200 4.68 -9.33 -21.95
CA TYR A 200 4.50 -10.79 -21.83
C TYR A 200 5.75 -11.63 -22.08
N PRO A 201 5.80 -12.85 -21.51
CA PRO A 201 6.87 -13.86 -21.58
C PRO A 201 7.05 -14.64 -22.88
N ARG A 202 7.63 -14.03 -23.91
CA ARG A 202 7.80 -14.81 -25.13
C ARG A 202 9.25 -15.28 -25.26
N TYR A 203 9.69 -15.98 -24.22
CA TYR A 203 11.04 -16.56 -24.02
C TYR A 203 12.00 -16.50 -25.17
N PRO A 204 13.26 -16.16 -24.90
CA PRO A 204 13.91 -15.81 -23.63
C PRO A 204 13.76 -14.40 -23.09
N GLY A 205 13.10 -13.50 -23.81
CA GLY A 205 12.99 -12.14 -23.28
C GLY A 205 11.58 -11.80 -22.83
N VAL A 206 11.24 -10.52 -22.97
CA VAL A 206 9.91 -10.03 -22.66
C VAL A 206 9.55 -8.98 -23.75
N ARG A 207 8.36 -9.08 -24.35
CA ARG A 207 7.96 -8.14 -25.41
C ARG A 207 6.75 -7.23 -25.06
N CYS A 208 6.88 -5.94 -25.31
CA CYS A 208 5.83 -4.99 -24.90
C CYS A 208 5.05 -4.17 -25.95
N ILE A 209 3.72 -4.21 -25.83
CA ILE A 209 2.82 -3.50 -26.74
C ILE A 209 2.23 -2.35 -25.96
N CYS A 210 2.86 -1.21 -26.14
CA CYS A 210 2.51 -0.02 -25.39
C CYS A 210 1.53 0.93 -26.05
N ARG A 211 1.47 2.12 -25.50
CA ARG A 211 0.63 3.22 -25.93
C ARG A 211 1.57 4.39 -26.29
N ASP A 212 1.04 5.38 -27.00
CA ASP A 212 1.78 6.56 -27.45
C ASP A 212 0.81 7.72 -27.46
N ASN A 213 0.95 8.57 -26.44
CA ASN A 213 0.10 9.72 -26.26
C ASN A 213 0.59 10.97 -26.97
N TRP A 214 1.52 10.82 -27.90
CA TRP A 214 2.04 11.99 -28.59
C TRP A 214 1.83 12.05 -30.10
N LYS A 215 2.49 11.16 -30.86
CA LYS A 215 2.35 11.19 -32.31
C LYS A 215 1.84 9.91 -32.94
N GLY A 216 1.90 8.81 -32.20
CA GLY A 216 1.47 7.53 -32.74
C GLY A 216 0.11 7.05 -32.27
N SER A 217 -0.53 6.28 -33.15
CA SER A 217 -1.84 5.67 -32.90
C SER A 217 -1.70 4.25 -33.42
N ASN A 218 -0.44 3.83 -33.54
CA ASN A 218 -0.05 2.49 -33.97
C ASN A 218 0.90 2.10 -32.82
N ARG A 219 0.48 1.16 -32.00
CA ARG A 219 1.26 0.74 -30.85
C ARG A 219 2.75 0.54 -31.06
N PRO A 220 3.58 1.09 -30.14
CA PRO A 220 5.01 0.93 -30.25
C PRO A 220 5.36 -0.39 -29.58
N VAL A 221 6.27 -1.16 -30.16
CA VAL A 221 6.66 -2.43 -29.52
C VAL A 221 7.88 -2.18 -28.61
N VAL A 222 8.02 -2.94 -27.52
CA VAL A 222 9.19 -2.79 -26.63
C VAL A 222 9.71 -4.15 -26.24
N ASP A 223 10.81 -4.56 -26.84
CA ASP A 223 11.40 -5.87 -26.57
C ASP A 223 12.57 -5.80 -25.64
N ILE A 224 12.46 -6.56 -24.55
CA ILE A 224 13.46 -6.67 -23.51
C ILE A 224 14.23 -7.98 -23.68
N ASN A 225 15.53 -7.90 -23.47
CA ASN A 225 16.42 -9.04 -23.56
C ASN A 225 16.75 -9.27 -22.12
N MET A 226 16.01 -10.16 -21.45
CA MET A 226 16.25 -10.47 -20.03
C MET A 226 17.61 -11.17 -19.87
N GLU A 227 18.19 -11.50 -21.02
CA GLU A 227 19.48 -12.17 -21.08
C GLU A 227 20.68 -11.19 -20.85
N ASP A 228 20.65 -10.02 -21.46
CA ASP A 228 21.79 -9.11 -21.29
C ASP A 228 21.42 -7.66 -20.98
N TYR A 229 20.13 -7.44 -20.74
CA TYR A 229 19.57 -6.13 -20.38
C TYR A 229 19.29 -5.19 -21.54
N SER A 230 19.92 -5.44 -22.70
CA SER A 230 19.71 -4.64 -23.91
C SER A 230 18.23 -4.45 -24.23
N ILE A 231 17.91 -3.33 -24.85
CA ILE A 231 16.52 -3.06 -25.22
C ILE A 231 16.39 -2.94 -26.75
N ASP A 232 15.15 -2.86 -27.20
CA ASP A 232 14.84 -2.71 -28.61
C ASP A 232 13.34 -2.39 -28.60
N SER A 233 12.97 -1.32 -29.30
CA SER A 233 11.58 -0.95 -29.35
C SER A 233 11.21 -0.51 -30.78
N SER A 234 10.51 -1.38 -31.52
CA SER A 234 10.11 -1.04 -32.89
C SER A 234 8.73 -0.40 -32.84
N TYR A 235 7.91 -0.73 -33.83
CA TYR A 235 6.51 -0.28 -33.93
C TYR A 235 5.76 -1.40 -34.67
N VAL A 236 4.44 -1.46 -34.60
CA VAL A 236 3.72 -2.55 -35.27
C VAL A 236 3.46 -2.48 -36.81
N CYS A 237 3.94 -3.50 -37.50
CA CYS A 237 3.80 -3.63 -38.94
C CYS A 237 2.33 -3.54 -39.40
N SER A 238 1.42 -4.09 -38.58
CA SER A 238 0.01 -4.07 -38.89
C SER A 238 -0.53 -2.73 -39.34
N GLY A 239 -1.13 -2.77 -40.53
CA GLY A 239 -1.69 -1.59 -41.14
C GLY A 239 -3.09 -1.34 -40.63
N LEU A 240 -3.60 -2.34 -39.91
CA LEU A 240 -4.92 -2.20 -39.37
C LEU A 240 -4.89 -1.12 -38.31
N VAL A 241 -4.11 -1.36 -37.27
CA VAL A 241 -3.98 -0.39 -36.18
C VAL A 241 -5.09 -0.44 -35.11
N GLY A 242 -4.67 -0.37 -33.86
CA GLY A 242 -5.62 -0.40 -32.77
C GLY A 242 -5.27 0.54 -31.62
N ASP A 243 -5.79 1.75 -31.71
CA ASP A 243 -5.55 2.74 -30.70
C ASP A 243 -6.64 3.74 -30.92
N THR A 244 -7.05 4.48 -29.90
CA THR A 244 -8.13 5.47 -30.09
C THR A 244 -7.82 6.76 -29.35
N PRO A 245 -8.00 7.92 -30.02
CA PRO A 245 -8.46 8.12 -31.41
C PRO A 245 -7.50 7.60 -32.45
N ARG A 246 -8.00 7.29 -33.63
CA ARG A 246 -7.16 6.85 -34.73
C ARG A 246 -7.86 7.16 -36.05
N ASN A 247 -7.08 7.35 -37.11
CA ASN A 247 -7.57 7.70 -38.46
C ASN A 247 -8.91 7.10 -38.93
N ASP A 248 -8.93 5.80 -39.19
CA ASP A 248 -10.11 5.13 -39.70
C ASP A 248 -9.75 3.64 -39.82
N ASP A 249 -9.70 3.13 -41.05
CA ASP A 249 -9.40 1.75 -41.33
C ASP A 249 -8.83 1.65 -42.74
N ARG A 250 -8.97 2.73 -43.51
CA ARG A 250 -8.41 2.75 -44.87
C ARG A 250 -7.20 3.68 -44.93
N SER A 251 -7.29 4.86 -44.33
CA SER A 251 -6.16 5.76 -44.29
C SER A 251 -5.34 5.49 -43.03
N SER A 252 -5.65 4.39 -42.34
CA SER A 252 -4.95 4.00 -41.11
C SER A 252 -3.69 3.36 -41.61
N ASN A 253 -2.56 3.70 -41.02
CA ASN A 253 -1.30 3.13 -41.50
C ASN A 253 -0.29 2.86 -40.40
N SER A 254 0.79 2.18 -40.75
CA SER A 254 1.91 1.82 -39.88
C SER A 254 2.98 1.14 -40.76
N ASN A 255 4.23 1.43 -40.49
CA ASN A 255 5.32 0.91 -41.28
C ASN A 255 6.30 0.12 -40.46
N CYS A 256 5.89 -0.19 -39.23
CA CYS A 256 6.69 -0.94 -38.26
C CYS A 256 7.82 -0.12 -37.64
N ARG A 257 7.97 1.16 -38.01
CA ARG A 257 9.05 1.89 -37.38
C ARG A 257 8.95 3.38 -36.96
N ASP A 258 7.91 4.08 -37.36
CA ASP A 258 7.84 5.51 -37.00
C ASP A 258 6.43 5.89 -36.61
N PRO A 259 6.27 6.89 -35.70
CA PRO A 259 4.91 7.29 -35.33
C PRO A 259 4.23 7.60 -36.67
N ASN A 260 3.01 7.15 -36.87
CA ASN A 260 2.38 7.40 -38.19
C ASN A 260 1.80 8.78 -38.35
N ASN A 261 1.57 9.45 -37.22
CA ASN A 261 1.05 10.80 -37.19
C ASN A 261 -0.38 10.93 -37.73
N GLU A 262 -1.26 10.00 -37.34
CA GLU A 262 -2.65 10.06 -37.78
C GLU A 262 -3.46 10.01 -36.51
N ARG A 263 -3.88 11.18 -36.01
CA ARG A 263 -4.60 11.26 -34.75
C ARG A 263 -3.67 10.51 -33.78
N GLY A 264 -2.38 10.67 -34.04
CA GLY A 264 -1.34 10.02 -33.26
C GLY A 264 -1.26 10.54 -31.85
N THR A 265 -2.12 11.50 -31.55
CA THR A 265 -2.25 12.14 -30.24
C THR A 265 -2.37 11.12 -29.10
N GLN A 266 -3.38 11.27 -28.25
CA GLN A 266 -3.60 10.39 -27.11
C GLN A 266 -3.52 8.90 -27.43
N GLY A 267 -4.14 8.11 -26.56
CA GLY A 267 -4.16 6.69 -26.72
C GLY A 267 -5.01 6.09 -25.61
N VAL A 268 -4.69 4.84 -25.28
CA VAL A 268 -5.38 4.08 -24.26
C VAL A 268 -4.50 2.87 -24.05
N LYS A 269 -4.56 2.24 -22.88
CA LYS A 269 -3.73 1.08 -22.65
C LYS A 269 -4.20 -0.09 -23.52
N GLY A 270 -3.29 -0.59 -24.34
CA GLY A 270 -3.67 -1.69 -25.21
C GLY A 270 -2.72 -2.84 -25.16
N TRP A 271 -3.11 -3.93 -25.85
CA TRP A 271 -2.32 -5.16 -25.91
C TRP A 271 -2.27 -5.66 -27.34
N ALA A 272 -1.51 -6.73 -27.54
CA ALA A 272 -1.35 -7.41 -28.82
C ALA A 272 -0.41 -8.57 -28.50
N PHE A 273 -0.34 -9.56 -29.36
CA PHE A 273 0.58 -10.65 -29.11
C PHE A 273 0.75 -11.41 -30.40
N ASP A 274 2.00 -11.54 -30.80
CA ASP A 274 2.36 -12.20 -32.03
C ASP A 274 2.01 -13.69 -32.12
N ASN A 275 2.32 -14.24 -33.29
CA ASN A 275 2.20 -15.65 -33.63
C ASN A 275 2.69 -15.74 -35.06
N GLY A 276 3.93 -16.21 -35.20
CA GLY A 276 4.58 -16.30 -36.50
C GLY A 276 4.59 -14.91 -37.11
N ASN A 277 4.25 -14.84 -38.39
CA ASN A 277 4.22 -13.56 -39.06
C ASN A 277 2.89 -12.87 -38.88
N ASP A 278 2.00 -13.46 -38.07
CA ASP A 278 0.65 -12.89 -37.85
C ASP A 278 0.51 -12.02 -36.59
N LEU A 279 -0.70 -11.55 -36.30
CA LEU A 279 -0.90 -10.70 -35.10
C LEU A 279 -2.28 -10.68 -34.41
N TRP A 280 -2.43 -11.40 -33.29
CA TRP A 280 -3.69 -11.37 -32.55
C TRP A 280 -3.69 -10.07 -31.72
N MET A 281 -4.69 -9.22 -31.92
CA MET A 281 -4.75 -7.94 -31.24
C MET A 281 -6.18 -7.55 -30.94
N GLY A 282 -6.35 -6.42 -30.24
CA GLY A 282 -7.68 -5.97 -29.88
C GLY A 282 -7.70 -4.46 -29.74
N ARG A 283 -8.86 -3.85 -29.89
CA ARG A 283 -9.00 -2.40 -29.78
C ARG A 283 -10.48 -1.99 -29.61
N THR A 284 -10.74 -0.70 -29.43
CA THR A 284 -12.11 -0.25 -29.30
C THR A 284 -12.76 -0.22 -30.68
N ILE A 285 -14.06 -0.45 -30.74
CA ILE A 285 -14.71 -0.39 -32.05
C ILE A 285 -14.71 1.09 -32.43
N SER A 286 -15.11 1.96 -31.52
CA SER A 286 -15.09 3.37 -31.87
C SER A 286 -13.65 3.86 -31.95
N LYS A 287 -13.33 4.57 -33.04
CA LYS A 287 -11.97 5.09 -33.29
C LYS A 287 -11.79 6.57 -32.91
N ASP A 288 -12.81 7.14 -32.25
CA ASP A 288 -12.77 8.53 -31.76
C ASP A 288 -12.92 8.35 -30.24
N LEU A 289 -14.01 7.70 -29.85
CA LEU A 289 -14.36 7.40 -28.45
C LEU A 289 -13.96 5.98 -28.08
N ARG A 290 -13.65 5.75 -26.81
CA ARG A 290 -13.26 4.43 -26.31
C ARG A 290 -14.52 3.62 -26.01
N SER A 291 -15.21 3.17 -27.06
CA SER A 291 -16.44 2.39 -26.94
C SER A 291 -16.40 1.14 -27.83
N GLY A 292 -16.96 0.05 -27.29
CA GLY A 292 -16.98 -1.21 -28.02
C GLY A 292 -15.65 -1.90 -28.00
N TYR A 293 -15.61 -3.22 -28.01
CA TYR A 293 -14.33 -3.90 -28.03
C TYR A 293 -14.39 -5.10 -28.96
N GLU A 294 -13.38 -5.20 -29.81
CA GLU A 294 -13.29 -6.27 -30.79
C GLU A 294 -11.88 -6.80 -30.67
N THR A 295 -11.65 -7.99 -31.20
CA THR A 295 -10.32 -8.61 -31.15
C THR A 295 -10.14 -9.42 -32.42
N PHE A 296 -8.93 -9.44 -32.95
CA PHE A 296 -8.72 -10.19 -34.15
C PHE A 296 -7.28 -10.51 -34.48
N LYS A 297 -7.09 -11.20 -35.60
CA LYS A 297 -5.79 -11.64 -36.10
C LYS A 297 -5.59 -11.08 -37.52
N VAL A 298 -4.43 -10.44 -37.70
CA VAL A 298 -4.02 -9.82 -38.96
C VAL A 298 -2.94 -10.74 -39.49
N ILE A 299 -3.18 -11.27 -40.68
CA ILE A 299 -2.24 -12.17 -41.34
C ILE A 299 -1.14 -11.27 -41.85
N GLY A 300 0.11 -11.64 -41.55
CA GLY A 300 1.23 -10.85 -41.98
C GLY A 300 1.51 -9.69 -41.05
N GLY A 301 0.50 -9.22 -40.33
CA GLY A 301 0.63 -8.11 -39.39
C GLY A 301 1.77 -7.98 -38.37
N TRP A 302 2.55 -9.02 -38.11
CA TRP A 302 3.63 -8.77 -37.17
C TRP A 302 5.00 -8.59 -37.86
N SER A 303 5.15 -9.19 -39.04
CA SER A 303 6.40 -9.13 -39.76
C SER A 303 6.33 -8.28 -41.01
N THR A 304 5.12 -7.83 -41.37
CA THR A 304 4.92 -7.03 -42.58
C THR A 304 4.21 -5.71 -42.38
N PRO A 305 4.78 -4.62 -42.93
CA PRO A 305 4.23 -3.28 -42.84
C PRO A 305 2.84 -3.18 -43.46
N ASN A 306 2.13 -2.11 -43.07
CA ASN A 306 0.78 -1.74 -43.51
C ASN A 306 -0.06 -2.91 -43.93
N SER A 307 -0.47 -3.69 -42.95
CA SER A 307 -1.27 -4.86 -43.20
C SER A 307 -2.78 -4.61 -43.09
N LYS A 308 -3.56 -5.40 -43.82
CA LYS A 308 -5.01 -5.23 -43.79
C LYS A 308 -5.74 -6.57 -43.98
N SER A 309 -5.04 -7.67 -43.79
CA SER A 309 -5.68 -8.96 -43.93
C SER A 309 -6.23 -9.48 -42.59
N GLN A 310 -7.30 -8.81 -42.16
CA GLN A 310 -8.02 -9.10 -40.91
C GLN A 310 -8.82 -10.37 -41.10
N ILE A 311 -8.93 -11.12 -40.00
CA ILE A 311 -9.68 -12.39 -39.97
C ILE A 311 -9.96 -12.79 -38.51
N ASN A 312 -11.01 -13.60 -38.34
CA ASN A 312 -11.41 -14.09 -37.02
C ASN A 312 -11.88 -13.06 -35.99
N ARG A 313 -12.52 -12.01 -36.46
CA ARG A 313 -13.07 -10.98 -35.57
C ARG A 313 -14.02 -11.51 -34.46
N GLN A 314 -14.22 -10.70 -33.42
CA GLN A 314 -15.13 -10.98 -32.30
C GLN A 314 -15.62 -9.65 -31.74
N VAL A 315 -16.91 -9.56 -31.40
CA VAL A 315 -17.45 -8.31 -30.87
C VAL A 315 -17.53 -8.28 -29.34
N ILE A 316 -16.45 -8.75 -28.71
CA ILE A 316 -16.26 -8.85 -27.26
C ILE A 316 -17.17 -7.98 -26.43
N VAL A 317 -17.30 -6.72 -26.84
CA VAL A 317 -18.16 -5.72 -26.20
C VAL A 317 -18.80 -4.95 -27.39
N ASP A 318 -20.11 -4.72 -27.39
CA ASP A 318 -20.72 -4.07 -28.53
C ASP A 318 -20.38 -2.62 -28.63
N SER A 319 -20.23 -2.17 -29.86
CA SER A 319 -19.90 -0.79 -30.21
C SER A 319 -20.94 0.26 -29.78
N ASP A 320 -22.06 -0.18 -29.22
CA ASP A 320 -23.13 0.73 -28.75
C ASP A 320 -22.87 1.05 -27.30
N ASN A 321 -21.98 0.27 -26.73
CA ASN A 321 -21.64 0.37 -25.34
C ASN A 321 -20.38 1.22 -25.13
N ARG A 322 -19.47 0.76 -24.26
CA ARG A 322 -18.23 1.48 -23.98
C ARG A 322 -17.26 0.62 -23.19
N SER A 323 -15.98 0.72 -23.52
CA SER A 323 -14.95 -0.05 -22.81
C SER A 323 -13.96 0.94 -22.18
N GLY A 324 -12.66 0.69 -22.36
CA GLY A 324 -11.66 1.58 -21.81
C GLY A 324 -10.28 1.02 -22.08
N TYR A 325 -9.59 0.68 -20.98
CA TYR A 325 -8.25 0.10 -21.01
C TYR A 325 -8.37 -1.40 -21.24
N SER A 326 -7.23 -2.05 -21.42
CA SER A 326 -7.20 -3.48 -21.63
C SER A 326 -5.74 -3.84 -21.65
N GLY A 327 -5.45 -5.09 -21.36
CA GLY A 327 -4.07 -5.50 -21.34
C GLY A 327 -4.03 -6.98 -21.56
N ILE A 328 -2.85 -7.47 -21.89
CA ILE A 328 -2.72 -8.88 -22.13
C ILE A 328 -2.60 -9.47 -20.72
N PHE A 329 -2.72 -10.79 -20.62
CA PHE A 329 -2.70 -11.50 -19.34
C PHE A 329 -2.25 -12.91 -19.72
N SER A 330 -1.02 -13.30 -19.37
CA SER A 330 -0.57 -14.65 -19.71
C SER A 330 -1.07 -15.63 -18.67
N VAL A 331 -0.88 -16.93 -18.90
CA VAL A 331 -1.30 -17.96 -17.93
C VAL A 331 -0.96 -19.35 -18.48
N GLU A 332 0.23 -19.80 -18.08
CA GLU A 332 0.83 -21.05 -18.45
C GLU A 332 0.01 -22.34 -18.45
N GLY A 333 -0.23 -22.86 -19.65
CA GLY A 333 -0.96 -24.12 -19.82
C GLY A 333 -0.14 -25.32 -19.37
N LYS A 334 -0.65 -26.52 -19.61
CA LYS A 334 0.06 -27.75 -19.20
C LYS A 334 1.01 -28.28 -20.27
N SER A 335 1.40 -27.40 -21.20
CA SER A 335 2.27 -27.74 -22.32
C SER A 335 2.64 -26.47 -23.11
N CYS A 336 1.76 -25.48 -23.07
CA CYS A 336 1.97 -24.22 -23.73
C CYS A 336 1.49 -23.11 -22.85
N ILE A 337 2.06 -21.93 -23.07
CA ILE A 337 1.73 -20.72 -22.32
C ILE A 337 0.64 -19.98 -23.11
N ASN A 338 -0.55 -19.95 -22.53
CA ASN A 338 -1.70 -19.33 -23.16
C ASN A 338 -1.81 -17.91 -22.70
N ARG A 339 -2.23 -17.05 -23.61
CA ARG A 339 -2.41 -15.64 -23.30
C ARG A 339 -3.91 -15.49 -23.09
N CYS A 340 -4.24 -14.51 -22.26
CA CYS A 340 -5.60 -14.19 -21.92
C CYS A 340 -5.52 -12.66 -21.97
N PHE A 341 -6.64 -11.96 -21.79
CA PHE A 341 -6.65 -10.50 -21.84
C PHE A 341 -7.89 -9.92 -21.12
N TYR A 342 -7.77 -8.72 -20.55
CA TYR A 342 -8.90 -8.14 -19.83
C TYR A 342 -9.37 -6.85 -20.49
N VAL A 343 -10.53 -6.33 -20.05
CA VAL A 343 -11.09 -5.09 -20.60
C VAL A 343 -11.91 -4.30 -19.58
N GLU A 344 -11.38 -3.20 -19.02
CA GLU A 344 -12.17 -2.42 -18.07
C GLU A 344 -13.31 -1.75 -18.84
N LEU A 345 -14.51 -1.72 -18.26
CA LEU A 345 -15.64 -1.05 -18.90
C LEU A 345 -15.94 0.10 -17.97
N ILE A 346 -15.51 1.28 -18.39
CA ILE A 346 -15.65 2.43 -17.52
C ILE A 346 -16.96 3.12 -17.61
N ARG A 347 -17.64 3.18 -16.47
CA ARG A 347 -18.94 3.85 -16.32
C ARG A 347 -18.69 5.07 -15.42
N GLY A 348 -19.08 6.25 -15.86
CA GLY A 348 -18.84 7.41 -15.01
C GLY A 348 -18.89 8.78 -15.67
N ARG A 349 -18.44 9.79 -14.93
CA ARG A 349 -18.47 11.18 -15.38
C ARG A 349 -17.55 11.49 -16.57
N LYS A 350 -17.83 12.65 -17.15
CA LYS A 350 -17.18 13.22 -18.33
C LYS A 350 -18.03 12.70 -19.47
N GLN A 351 -18.40 11.43 -19.41
CA GLN A 351 -19.26 10.82 -20.41
C GLN A 351 -20.66 10.79 -19.78
N GLU A 352 -20.93 9.70 -19.08
CA GLU A 352 -22.20 9.51 -18.40
C GLU A 352 -22.22 10.43 -17.20
N THR A 353 -22.39 11.72 -17.50
CA THR A 353 -22.41 12.76 -16.49
C THR A 353 -23.76 12.86 -15.79
N ARG A 354 -24.47 11.73 -15.74
CA ARG A 354 -25.77 11.66 -15.09
C ARG A 354 -25.42 11.57 -13.62
N VAL A 355 -24.29 10.93 -13.35
CA VAL A 355 -23.77 10.72 -12.03
C VAL A 355 -22.48 11.54 -11.97
N TRP A 356 -21.89 11.68 -10.79
CA TRP A 356 -20.64 12.45 -10.66
C TRP A 356 -19.39 11.60 -10.36
N TRP A 357 -19.55 10.30 -10.13
CA TRP A 357 -18.42 9.41 -9.86
C TRP A 357 -18.02 8.62 -11.11
N THR A 358 -16.83 8.05 -11.08
CA THR A 358 -16.31 7.23 -12.16
C THR A 358 -15.71 5.99 -11.52
N SER A 359 -16.03 4.84 -12.06
CA SER A 359 -15.51 3.55 -11.59
C SER A 359 -15.54 2.69 -12.83
N ASN A 360 -15.36 1.39 -12.68
CA ASN A 360 -15.36 0.49 -13.84
C ASN A 360 -15.52 -0.99 -13.47
N SER A 361 -16.04 -1.77 -14.41
CA SER A 361 -16.25 -3.20 -14.24
C SER A 361 -15.13 -3.82 -15.07
N ILE A 362 -15.25 -5.10 -15.36
CA ILE A 362 -14.24 -5.76 -16.15
C ILE A 362 -14.87 -7.02 -16.77
N VAL A 363 -14.30 -7.42 -17.90
CA VAL A 363 -14.71 -8.61 -18.64
C VAL A 363 -13.32 -9.11 -18.94
N VAL A 364 -13.13 -10.44 -19.04
CA VAL A 364 -11.81 -11.01 -19.38
C VAL A 364 -12.02 -12.25 -20.27
N PHE A 365 -11.16 -12.39 -21.28
CA PHE A 365 -11.21 -13.51 -22.23
C PHE A 365 -9.84 -14.17 -22.38
N CYS A 366 -9.83 -15.50 -22.42
CA CYS A 366 -8.59 -16.30 -22.57
C CYS A 366 -8.41 -16.91 -23.97
N GLY A 367 -7.32 -17.65 -24.15
CA GLY A 367 -7.04 -18.29 -25.42
C GLY A 367 -7.67 -19.67 -25.57
N THR A 368 -8.13 -19.96 -26.77
CA THR A 368 -8.76 -21.26 -27.04
C THR A 368 -8.33 -21.86 -28.40
N SER A 369 -8.25 -23.19 -28.41
CA SER A 369 -7.94 -23.95 -29.61
C SER A 369 -9.24 -24.71 -29.99
N GLY A 370 -10.39 -24.17 -29.57
CA GLY A 370 -11.68 -24.81 -29.85
C GLY A 370 -12.67 -23.80 -30.38
N THR A 371 -13.90 -24.21 -30.69
CA THR A 371 -14.92 -23.29 -31.21
C THR A 371 -15.49 -22.26 -30.19
N TYR A 372 -16.34 -21.36 -30.66
CA TYR A 372 -16.99 -20.36 -29.81
C TYR A 372 -18.21 -19.81 -30.57
N GLY A 373 -19.10 -19.11 -29.87
CA GLY A 373 -20.27 -18.56 -30.53
C GLY A 373 -20.01 -17.08 -30.77
N THR A 374 -21.01 -16.25 -30.49
CA THR A 374 -20.87 -14.81 -30.69
C THR A 374 -21.62 -14.05 -29.57
N GLY A 375 -21.26 -12.79 -29.34
CA GLY A 375 -21.97 -12.03 -28.31
C GLY A 375 -21.16 -10.82 -27.91
N SER A 376 -21.56 -10.11 -26.86
CA SER A 376 -20.85 -8.94 -26.37
C SER A 376 -21.18 -8.81 -24.90
N TRP A 377 -20.19 -8.56 -24.06
CA TRP A 377 -20.48 -8.47 -22.63
C TRP A 377 -20.08 -7.12 -22.06
N PRO A 378 -21.07 -6.22 -21.89
CA PRO A 378 -20.88 -4.88 -21.35
C PRO A 378 -21.11 -4.81 -19.86
N ASP A 379 -20.83 -3.65 -19.28
CA ASP A 379 -21.08 -3.42 -17.88
C ASP A 379 -22.61 -3.62 -17.71
N GLY A 380 -23.37 -3.01 -18.64
CA GLY A 380 -24.81 -3.12 -18.68
C GLY A 380 -25.48 -2.86 -17.34
N ALA A 381 -25.46 -1.59 -16.94
CA ALA A 381 -26.02 -1.15 -15.68
C ALA A 381 -26.77 0.11 -15.95
N ASN A 382 -27.93 0.24 -15.33
CA ASN A 382 -28.73 1.40 -15.60
C ASN A 382 -28.21 2.62 -14.92
N ILE A 383 -27.61 3.50 -15.70
CA ILE A 383 -27.07 4.74 -15.16
C ILE A 383 -28.22 5.53 -14.49
N ASN A 384 -29.47 5.20 -14.81
CA ASN A 384 -30.60 5.88 -14.19
C ASN A 384 -30.93 5.16 -12.90
N PHE A 385 -30.29 4.04 -12.67
CA PHE A 385 -30.50 3.29 -11.45
C PHE A 385 -29.43 3.68 -10.45
N MET A 386 -28.17 3.55 -10.89
CA MET A 386 -26.99 3.88 -10.10
C MET A 386 -27.17 5.08 -9.19
N PRO A 387 -26.45 5.12 -8.05
CA PRO A 387 -26.53 6.24 -7.09
C PRO A 387 -25.81 7.54 -7.51
N ILE A 388 -26.12 8.63 -6.81
CA ILE A 388 -25.58 9.98 -7.04
C ILE A 388 -26.42 10.75 -8.07
N VAL B 1 9.68 -25.01 12.76
CA VAL B 1 9.84 -23.60 13.20
C VAL B 1 10.85 -23.40 14.35
N GLU B 2 12.01 -22.83 14.04
CA GLU B 2 13.01 -22.53 15.05
C GLU B 2 12.57 -21.15 15.57
N TYR B 3 13.31 -20.52 16.50
CA TYR B 3 12.83 -19.23 17.00
C TYR B 3 13.35 -17.96 16.38
N ARG B 4 12.62 -16.88 16.66
CA ARG B 4 12.94 -15.54 16.21
C ARG B 4 13.91 -14.97 17.23
N ASN B 5 15.19 -15.02 16.88
CA ASN B 5 16.30 -14.56 17.72
C ASN B 5 16.94 -13.23 17.27
N TRP B 6 16.43 -12.65 16.18
CA TRP B 6 16.93 -11.38 15.64
C TRP B 6 18.45 -11.13 15.37
N SER B 7 19.31 -12.12 15.58
CA SER B 7 20.75 -11.92 15.30
C SER B 7 20.89 -11.57 13.82
N LYS B 8 21.04 -10.27 13.52
CA LYS B 8 21.15 -9.80 12.14
C LYS B 8 21.13 -8.25 12.19
N PRO B 9 22.03 -7.58 11.45
CA PRO B 9 22.15 -6.12 11.42
C PRO B 9 20.93 -5.29 11.03
N GLN B 10 20.77 -4.14 11.67
CA GLN B 10 19.67 -3.26 11.31
C GLN B 10 20.10 -2.65 10.00
N CYS B 11 19.15 -2.14 9.23
CA CYS B 11 19.48 -1.54 7.95
C CYS B 11 19.87 -0.06 8.04
N GLN B 12 20.92 0.30 7.30
CA GLN B 12 21.38 1.68 7.22
C GLN B 12 20.39 2.35 6.26
N ILE B 13 19.24 2.76 6.79
CA ILE B 13 18.18 3.40 6.01
C ILE B 13 18.61 4.77 5.51
N THR B 14 17.82 5.34 4.59
CA THR B 14 18.11 6.65 4.01
C THR B 14 16.87 7.54 4.02
N GLY B 15 15.81 7.02 4.62
CA GLY B 15 14.56 7.76 4.69
C GLY B 15 13.39 6.79 4.54
N PHE B 16 12.18 7.34 4.54
CA PHE B 16 11.03 6.45 4.42
C PHE B 16 10.20 6.64 3.16
N ALA B 17 9.77 5.49 2.61
CA ALA B 17 8.92 5.39 1.40
C ALA B 17 7.54 4.84 1.86
N PRO B 18 6.42 5.27 1.22
CA PRO B 18 5.09 4.80 1.59
C PRO B 18 4.73 3.33 1.32
N PHE B 19 4.07 2.74 2.33
CA PHE B 19 3.68 1.33 2.34
C PHE B 19 2.17 1.10 2.38
N SER B 20 1.50 1.65 3.38
CA SER B 20 0.07 1.40 3.53
C SER B 20 -0.79 2.49 4.14
N LYS B 21 -1.98 2.62 3.57
CA LYS B 21 -3.01 3.56 3.99
C LYS B 21 -4.22 2.66 3.85
N ASP B 22 -5.29 2.93 4.59
CA ASP B 22 -6.46 2.08 4.49
C ASP B 22 -7.72 2.88 4.23
N ASN B 23 -7.65 4.17 4.50
CA ASN B 23 -8.78 5.05 4.21
C ASN B 23 -9.98 4.77 5.10
N SER B 24 -9.72 4.21 6.29
CA SER B 24 -10.74 3.82 7.26
C SER B 24 -11.94 4.74 7.42
N ILE B 25 -11.72 6.06 7.53
CA ILE B 25 -12.85 7.02 7.68
C ILE B 25 -13.62 7.21 6.38
N ARG B 26 -12.90 7.40 5.27
CA ARG B 26 -13.54 7.60 3.97
C ARG B 26 -14.57 6.51 3.70
N LEU B 27 -14.10 5.26 3.69
CA LEU B 27 -14.97 4.14 3.44
C LEU B 27 -16.10 4.12 4.48
N SER B 28 -15.79 4.56 5.70
CA SER B 28 -16.77 4.63 6.79
C SER B 28 -18.02 5.41 6.40
N ALA B 29 -17.97 6.15 5.30
CA ALA B 29 -19.14 6.90 4.87
C ALA B 29 -20.02 6.07 3.94
N GLY B 30 -19.43 5.04 3.32
CA GLY B 30 -20.16 4.17 2.42
C GLY B 30 -20.21 2.71 2.84
N GLY B 31 -19.65 2.39 4.00
CA GLY B 31 -19.64 1.02 4.48
C GLY B 31 -19.70 0.94 6.00
N ASP B 32 -19.83 -0.28 6.53
CA ASP B 32 -19.92 -0.46 7.96
C ASP B 32 -18.54 -0.74 8.51
N ILE B 33 -17.90 0.31 9.02
CA ILE B 33 -16.55 0.20 9.55
C ILE B 33 -16.53 0.41 11.05
N TRP B 34 -15.72 -0.40 11.72
CA TRP B 34 -15.57 -0.30 13.15
C TRP B 34 -15.10 1.06 13.60
N VAL B 35 -15.36 1.37 14.87
CA VAL B 35 -14.90 2.63 15.48
C VAL B 35 -13.60 2.25 16.16
N THR B 36 -12.53 2.94 15.83
CA THR B 36 -11.22 2.63 16.39
C THR B 36 -10.47 3.80 17.07
N ARG B 37 -9.18 3.56 17.29
CA ARG B 37 -8.20 4.48 17.86
C ARG B 37 -7.06 3.64 18.38
N GLU B 38 -5.94 4.30 18.71
CA GLU B 38 -4.76 3.66 19.30
C GLU B 38 -4.35 2.37 18.57
N PRO B 39 -4.14 2.47 17.24
CA PRO B 39 -3.74 1.37 16.35
C PRO B 39 -2.26 1.03 16.44
N TYR B 40 -1.82 0.15 15.56
CA TYR B 40 -0.43 -0.27 15.46
C TYR B 40 -0.38 -1.47 14.56
N VAL B 41 0.77 -1.74 13.96
CA VAL B 41 0.83 -2.90 13.10
C VAL B 41 2.06 -3.73 13.45
N SER B 42 1.93 -5.03 13.29
CA SER B 42 2.97 -5.99 13.64
C SER B 42 2.83 -7.16 12.69
N CYS B 43 3.90 -7.94 12.53
CA CYS B 43 3.91 -9.06 11.59
C CYS B 43 4.64 -10.31 12.05
N ASP B 44 4.20 -11.45 11.52
CA ASP B 44 4.84 -12.74 11.78
C ASP B 44 5.81 -12.99 10.62
N PRO B 45 6.50 -14.12 10.61
CA PRO B 45 7.41 -14.28 9.47
C PRO B 45 6.78 -14.21 8.05
N VAL B 46 5.46 -14.01 7.95
CA VAL B 46 4.80 -13.91 6.64
C VAL B 46 3.96 -12.64 6.38
N LYS B 47 2.90 -12.43 7.13
CA LYS B 47 2.06 -11.26 6.91
C LYS B 47 2.14 -10.18 7.98
N CYS B 48 1.98 -8.92 7.56
CA CYS B 48 1.92 -7.78 8.47
C CYS B 48 0.44 -7.53 8.77
N TYR B 49 0.07 -7.49 10.03
CA TYR B 49 -1.32 -7.27 10.40
C TYR B 49 -1.46 -5.88 11.00
N GLN B 50 -2.70 -5.41 11.14
CA GLN B 50 -2.92 -4.09 11.68
C GLN B 50 -3.93 -4.20 12.80
N PHE B 51 -3.54 -3.67 13.96
CA PHE B 51 -4.38 -3.69 15.15
C PHE B 51 -4.89 -2.33 15.48
N ALA B 52 -5.69 -2.32 16.54
CA ALA B 52 -6.35 -1.12 17.06
C ALA B 52 -7.45 -1.59 18.01
N LEU B 53 -7.89 -0.67 18.85
CA LEU B 53 -8.93 -0.93 19.81
C LEU B 53 -10.19 -0.27 19.29
N GLY B 54 -11.30 -1.01 19.33
CA GLY B 54 -12.56 -0.49 18.86
C GLY B 54 -13.38 0.17 19.96
N GLN B 55 -14.65 0.41 19.67
CA GLN B 55 -15.56 0.99 20.64
C GLN B 55 -16.86 0.24 20.48
N GLY B 56 -16.74 -1.08 20.57
CA GLY B 56 -17.85 -2.02 20.47
C GLY B 56 -18.95 -1.63 19.51
N THR B 57 -18.61 -0.90 18.46
CA THR B 57 -19.62 -0.51 17.50
C THR B 57 -19.04 -0.21 16.13
N THR B 58 -19.81 0.53 15.35
CA THR B 58 -19.47 0.93 14.00
C THR B 58 -19.77 2.40 14.02
N LEU B 59 -19.30 3.09 13.02
CA LEU B 59 -19.51 4.52 12.85
C LEU B 59 -20.93 4.95 12.49
N ASP B 60 -21.60 4.27 11.55
CA ASP B 60 -22.97 4.68 11.19
C ASP B 60 -24.03 4.10 12.16
N ASN B 61 -23.55 3.93 13.39
CA ASN B 61 -24.31 3.42 14.50
C ASN B 61 -24.56 4.60 15.39
N LYS B 62 -25.82 4.81 15.76
CA LYS B 62 -26.19 5.90 16.67
C LYS B 62 -25.47 5.75 18.01
N HIS B 63 -24.96 4.55 18.28
CA HIS B 63 -24.23 4.25 19.52
C HIS B 63 -22.95 5.07 19.64
N SER B 64 -22.05 4.89 18.67
CA SER B 64 -20.73 5.55 18.55
C SER B 64 -20.49 6.90 19.21
N ASN B 65 -21.55 7.72 19.27
CA ASN B 65 -21.52 9.03 19.91
C ASN B 65 -20.82 9.03 21.29
N ASP B 66 -19.80 9.85 21.40
CA ASP B 66 -18.97 9.97 22.60
C ASP B 66 -17.83 8.94 22.62
N THR B 67 -17.26 8.67 21.44
CA THR B 67 -16.17 7.73 21.34
C THR B 67 -14.82 8.38 21.78
N VAL B 68 -14.93 9.62 22.24
CA VAL B 68 -13.79 10.39 22.72
C VAL B 68 -13.15 9.69 23.90
N HIS B 69 -13.99 9.07 24.73
CA HIS B 69 -13.53 8.36 25.93
C HIS B 69 -12.77 7.12 25.57
N ASP B 70 -11.61 6.94 26.20
CA ASP B 70 -10.72 5.82 25.95
C ASP B 70 -11.11 4.45 26.48
N ARG B 71 -11.81 4.40 27.60
CA ARG B 71 -12.17 3.11 28.19
C ARG B 71 -13.66 2.92 28.44
N ILE B 72 -14.11 1.70 28.20
CA ILE B 72 -15.49 1.25 28.41
C ILE B 72 -15.45 -0.25 28.25
N PRO B 73 -16.38 -0.97 28.89
CA PRO B 73 -16.36 -2.43 28.78
C PRO B 73 -16.27 -2.95 27.35
N HIS B 74 -17.16 -2.45 26.50
CA HIS B 74 -17.27 -2.87 25.10
C HIS B 74 -16.21 -2.38 24.11
N ARG B 75 -14.93 -2.57 24.42
CA ARG B 75 -13.85 -2.18 23.51
C ARG B 75 -13.05 -3.42 23.34
N THR B 76 -12.73 -3.74 22.09
CA THR B 76 -12.01 -4.96 21.83
C THR B 76 -10.83 -4.78 20.84
N LEU B 77 -9.86 -5.70 20.92
CA LEU B 77 -8.67 -5.69 20.07
C LEU B 77 -8.85 -6.38 18.71
N LEU B 78 -8.88 -5.59 17.62
CA LEU B 78 -9.07 -6.13 16.25
C LEU B 78 -7.77 -6.61 15.61
N MET B 79 -7.90 -7.28 14.47
CA MET B 79 -6.73 -7.79 13.78
C MET B 79 -7.15 -8.07 12.34
N ASN B 80 -6.29 -7.75 11.38
CA ASN B 80 -6.57 -7.98 9.97
C ASN B 80 -5.26 -7.95 9.23
N GLU B 81 -5.21 -8.42 7.99
CA GLU B 81 -3.95 -8.42 7.27
C GLU B 81 -3.66 -6.97 6.98
N LEU B 82 -2.41 -6.62 6.74
CA LEU B 82 -2.15 -5.21 6.47
C LEU B 82 -2.73 -4.80 5.11
N GLY B 83 -3.83 -4.04 5.15
CA GLY B 83 -4.43 -3.56 3.92
C GLY B 83 -5.95 -3.56 3.88
N VAL B 84 -6.59 -4.35 4.73
CA VAL B 84 -8.05 -4.36 4.72
C VAL B 84 -8.62 -3.40 5.77
N PRO B 85 -9.75 -2.76 5.48
CA PRO B 85 -10.37 -1.84 6.45
C PRO B 85 -10.92 -2.69 7.62
N PHE B 86 -11.33 -2.05 8.73
CA PHE B 86 -11.87 -2.82 9.86
C PHE B 86 -13.38 -3.00 9.68
N HIS B 87 -13.78 -4.16 9.16
CA HIS B 87 -15.19 -4.41 8.83
C HIS B 87 -16.02 -5.30 9.74
N LEU B 88 -17.31 -5.36 9.45
CA LEU B 88 -18.18 -6.21 10.23
C LEU B 88 -17.71 -7.68 10.24
N GLY B 89 -16.74 -7.98 9.41
CA GLY B 89 -16.19 -9.32 9.34
C GLY B 89 -14.82 -9.43 10.00
N THR B 90 -14.50 -8.47 10.87
CA THR B 90 -13.21 -8.47 11.57
C THR B 90 -13.41 -9.15 12.94
N ARG B 91 -12.35 -9.70 13.52
CA ARG B 91 -12.54 -10.35 14.80
C ARG B 91 -12.00 -9.60 16.02
N GLN B 92 -12.75 -9.73 17.12
CA GLN B 92 -12.41 -9.14 18.39
C GLN B 92 -11.58 -10.21 19.11
N VAL B 93 -10.27 -10.16 18.90
CA VAL B 93 -9.36 -11.19 19.46
C VAL B 93 -9.27 -11.25 20.97
N CYS B 94 -9.85 -10.26 21.63
CA CYS B 94 -9.84 -10.19 23.09
C CYS B 94 -10.53 -8.91 23.46
N ILE B 95 -10.94 -8.83 24.73
CA ILE B 95 -11.55 -7.61 25.27
C ILE B 95 -10.35 -6.80 25.76
N ALA B 96 -10.40 -5.50 25.60
CA ALA B 96 -9.32 -4.69 26.07
C ALA B 96 -9.55 -3.26 25.78
N TRP B 97 -8.76 -2.43 26.48
CA TRP B 97 -8.75 -1.01 26.27
C TRP B 97 -7.30 -0.50 26.27
N SER B 98 -6.41 -1.44 25.92
CA SER B 98 -4.96 -1.26 25.86
C SER B 98 -4.39 -2.60 25.37
N SER B 99 -3.13 -2.66 24.94
CA SER B 99 -2.56 -3.90 24.43
C SER B 99 -1.11 -3.89 23.97
N SER B 100 -0.72 -5.01 23.35
CA SER B 100 0.61 -5.16 22.78
C SER B 100 0.63 -6.51 22.09
N SER B 101 1.35 -6.63 21.00
CA SER B 101 1.38 -7.92 20.34
C SER B 101 2.72 -8.20 19.66
N CYS B 102 3.23 -9.41 19.84
CA CYS B 102 4.48 -9.79 19.22
C CYS B 102 4.30 -11.21 18.71
N HIS B 103 5.11 -11.57 17.74
CA HIS B 103 5.04 -12.90 17.25
C HIS B 103 6.39 -13.47 17.61
N ASP B 104 6.40 -14.31 18.65
CA ASP B 104 7.63 -14.91 19.16
C ASP B 104 8.26 -15.79 18.11
N GLY B 105 7.58 -15.93 16.99
CA GLY B 105 8.08 -16.75 15.92
C GLY B 105 7.03 -17.83 15.72
N LYS B 106 6.79 -18.61 16.77
CA LYS B 106 5.84 -19.70 16.68
C LYS B 106 4.36 -19.32 16.60
N ALA B 107 3.96 -18.25 17.28
CA ALA B 107 2.56 -17.82 17.32
C ALA B 107 2.47 -16.52 18.12
N TRP B 108 1.24 -16.03 18.34
CA TRP B 108 1.00 -14.74 19.04
C TRP B 108 0.64 -14.70 20.54
N LEU B 109 1.15 -13.65 21.17
CA LEU B 109 0.91 -13.32 22.59
C LEU B 109 0.15 -11.99 22.41
N HIS B 110 -0.99 -11.84 23.09
CA HIS B 110 -1.84 -10.66 22.95
C HIS B 110 -2.24 -9.99 24.25
N VAL B 111 -1.35 -9.23 24.88
CA VAL B 111 -1.75 -8.61 26.15
C VAL B 111 -2.86 -7.63 25.85
N CYS B 112 -3.99 -7.80 26.54
CA CYS B 112 -5.16 -6.93 26.39
C CYS B 112 -5.60 -6.55 27.82
N ILE B 113 -5.89 -5.27 28.04
CA ILE B 113 -6.27 -4.77 29.37
C ILE B 113 -7.72 -4.27 29.57
N THR B 114 -8.38 -4.71 30.65
CA THR B 114 -9.75 -4.24 30.93
C THR B 114 -10.13 -4.41 32.41
N GLY B 115 -11.00 -3.53 32.91
CA GLY B 115 -11.46 -3.64 34.29
C GLY B 115 -11.90 -2.27 34.78
N ASP B 116 -12.05 -2.06 36.08
CA ASP B 116 -12.39 -0.73 36.53
C ASP B 116 -11.05 0.02 36.38
N ASP B 117 -11.06 1.35 36.31
CA ASP B 117 -9.80 2.10 36.19
C ASP B 117 -8.92 1.72 37.42
N LYS B 118 -9.49 2.03 38.59
CA LYS B 118 -8.90 1.78 39.88
C LYS B 118 -8.54 0.32 40.17
N ASN B 119 -9.24 -0.60 39.55
CA ASN B 119 -8.95 -2.02 39.71
C ASN B 119 -9.34 -2.64 38.40
N ALA B 120 -8.35 -3.06 37.63
CA ALA B 120 -8.59 -3.65 36.33
C ALA B 120 -7.80 -4.93 36.26
N THR B 121 -8.00 -5.66 35.16
CA THR B 121 -7.33 -6.95 34.90
C THR B 121 -6.56 -6.99 33.55
N ALA B 122 -5.53 -7.83 33.44
CA ALA B 122 -4.73 -7.96 32.20
C ALA B 122 -4.64 -9.42 31.74
N SER B 123 -5.41 -9.80 30.73
CA SER B 123 -5.33 -11.18 30.28
C SER B 123 -4.14 -11.35 29.33
N PHE B 124 -3.35 -12.39 29.60
CA PHE B 124 -2.21 -12.69 28.78
C PHE B 124 -2.55 -13.87 27.94
N ILE B 125 -3.09 -13.61 26.76
CA ILE B 125 -3.45 -14.69 25.83
C ILE B 125 -2.24 -15.04 24.92
N TYR B 126 -2.25 -16.26 24.40
CA TYR B 126 -1.20 -16.77 23.55
C TYR B 126 -1.65 -18.03 22.79
N ASP B 127 -1.46 -18.02 21.48
CA ASP B 127 -1.82 -19.15 20.65
C ASP B 127 -3.30 -19.49 20.80
N GLY B 128 -4.11 -18.49 21.16
CA GLY B 128 -5.52 -18.72 21.35
C GLY B 128 -5.89 -19.05 22.79
N ARG B 129 -5.05 -19.79 23.51
CA ARG B 129 -5.34 -20.11 24.91
C ARG B 129 -4.92 -18.98 25.84
N LEU B 130 -5.47 -18.94 27.06
CA LEU B 130 -5.15 -17.89 28.04
C LEU B 130 -4.18 -18.48 29.02
N VAL B 131 -2.93 -18.10 28.84
CA VAL B 131 -1.85 -18.63 29.62
C VAL B 131 -1.64 -18.06 31.03
N ASP B 132 -2.00 -16.78 31.23
CA ASP B 132 -1.78 -16.12 32.54
C ASP B 132 -2.65 -14.90 32.81
N SER B 133 -2.41 -14.25 33.93
CA SER B 133 -3.15 -13.06 34.34
C SER B 133 -2.42 -12.41 35.51
N ILE B 134 -2.40 -11.09 35.51
CA ILE B 134 -1.75 -10.34 36.58
C ILE B 134 -2.58 -9.08 36.65
N GLY B 135 -3.03 -8.72 37.86
CA GLY B 135 -3.89 -7.54 38.01
C GLY B 135 -3.18 -6.23 38.31
N SER B 136 -3.96 -5.15 38.32
CA SER B 136 -3.44 -3.81 38.60
C SER B 136 -2.68 -3.80 39.91
N TRP B 137 -1.65 -2.97 39.98
CA TRP B 137 -0.83 -2.87 41.19
C TRP B 137 -0.84 -1.56 41.98
N SER B 138 -1.28 -0.44 41.39
CA SER B 138 -1.31 0.84 42.14
C SER B 138 -2.75 1.24 42.41
N GLN B 139 -3.65 0.65 41.64
CA GLN B 139 -5.06 0.95 41.75
C GLN B 139 -5.47 2.17 40.94
N ASN B 140 -4.64 2.61 40.01
CA ASN B 140 -5.09 3.68 39.14
C ASN B 140 -4.64 3.52 37.71
N ILE B 141 -5.40 2.65 37.03
CA ILE B 141 -5.27 2.34 35.62
C ILE B 141 -4.03 1.64 35.08
N LEU B 142 -4.16 0.33 34.86
CA LEU B 142 -3.07 -0.48 34.32
C LEU B 142 -3.15 -0.26 32.82
N ARG B 143 -2.08 0.31 32.25
CA ARG B 143 -2.02 0.62 30.84
C ARG B 143 -0.73 0.02 30.28
N THR B 144 -0.71 -0.25 28.97
CA THR B 144 0.50 -0.78 28.31
C THR B 144 0.83 0.01 27.03
N GLN B 145 1.66 -0.58 26.19
CA GLN B 145 2.20 0.03 24.98
C GLN B 145 1.32 0.59 23.86
N GLU B 146 0.39 -0.22 23.34
CA GLU B 146 -0.44 0.22 22.21
C GLU B 146 0.52 0.25 21.03
N SER B 147 1.38 -0.77 20.97
CA SER B 147 2.43 -0.91 19.96
C SER B 147 2.89 -2.37 19.97
N GLU B 148 3.71 -2.79 19.00
CA GLU B 148 4.14 -4.18 18.97
C GLU B 148 5.21 -4.48 20.00
N CYS B 149 5.03 -5.56 20.73
CA CYS B 149 6.02 -5.95 21.72
C CYS B 149 7.12 -6.63 20.95
N VAL B 150 8.21 -6.99 21.63
CA VAL B 150 9.28 -7.68 20.97
C VAL B 150 9.73 -8.90 21.75
N CYS B 151 9.96 -9.94 20.98
CA CYS B 151 10.35 -11.21 21.50
C CYS B 151 11.71 -11.51 20.86
N ILE B 152 12.53 -12.30 21.55
CA ILE B 152 13.84 -12.72 21.07
C ILE B 152 14.09 -14.05 21.76
N ASN B 153 14.51 -15.04 20.97
CA ASN B 153 14.82 -16.38 21.47
C ASN B 153 13.66 -17.19 22.00
N GLY B 154 12.64 -16.51 22.48
CA GLY B 154 11.47 -17.18 23.03
C GLY B 154 10.91 -16.45 24.24
N THR B 155 11.34 -15.21 24.47
CA THR B 155 10.87 -14.42 25.62
C THR B 155 10.32 -13.11 25.12
N CYS B 156 9.09 -12.80 25.47
CA CYS B 156 8.48 -11.55 25.01
C CYS B 156 8.40 -10.47 26.08
N THR B 157 9.00 -9.30 25.81
CA THR B 157 8.98 -8.17 26.75
C THR B 157 7.70 -7.34 26.56
N VAL B 158 7.33 -6.59 27.59
CA VAL B 158 6.16 -5.72 27.50
C VAL B 158 6.18 -4.80 28.74
N VAL B 159 6.29 -3.49 28.51
CA VAL B 159 6.33 -2.55 29.64
C VAL B 159 4.93 -2.11 30.15
N MET B 160 4.76 -2.05 31.47
CA MET B 160 3.45 -1.67 32.01
C MET B 160 3.40 -0.62 33.13
N THR B 161 2.51 0.35 32.94
CA THR B 161 2.32 1.43 33.88
C THR B 161 0.95 1.33 34.57
N ASP B 162 0.87 1.94 35.74
CA ASP B 162 -0.32 1.97 36.55
C ASP B 162 0.22 2.95 37.59
N GLY B 163 -0.35 4.14 37.64
CA GLY B 163 0.11 5.14 38.60
C GLY B 163 -0.62 6.46 38.43
N SER B 164 0.12 7.51 38.10
CA SER B 164 -0.46 8.82 37.90
C SER B 164 0.13 9.43 36.61
N ALA B 165 -0.71 9.50 35.57
CA ALA B 165 -0.34 10.01 34.23
C ALA B 165 0.63 11.14 34.40
N SER B 166 0.18 12.21 35.04
CA SER B 166 1.04 13.33 35.31
C SER B 166 1.34 13.23 36.82
N GLY B 167 2.30 12.35 37.13
CA GLY B 167 2.74 12.12 38.49
C GLY B 167 3.72 10.96 38.40
N ARG B 168 4.11 10.37 39.53
CA ARG B 168 5.03 9.22 39.52
C ARG B 168 4.16 8.03 39.06
N ALA B 169 4.76 6.86 38.98
CA ALA B 169 4.01 5.68 38.58
C ALA B 169 4.88 4.47 38.70
N ASP B 170 4.28 3.30 38.70
CA ASP B 170 5.08 2.11 38.78
C ASP B 170 5.19 1.64 37.34
N THR B 171 6.42 1.41 36.94
CA THR B 171 6.65 0.92 35.60
C THR B 171 7.36 -0.38 35.81
N ARG B 172 6.74 -1.43 35.27
CA ARG B 172 7.33 -2.73 35.35
C ARG B 172 7.53 -3.24 33.92
N ILE B 173 8.46 -4.19 33.75
CA ILE B 173 8.72 -4.74 32.43
C ILE B 173 8.56 -6.23 32.57
N LEU B 174 7.39 -6.74 32.20
CA LEU B 174 7.12 -8.18 32.28
C LEU B 174 7.75 -8.97 31.13
N PHE B 175 8.34 -10.12 31.47
CA PHE B 175 9.01 -11.05 30.56
C PHE B 175 8.22 -12.36 30.55
N ILE B 176 7.30 -12.44 29.61
CA ILE B 176 6.36 -13.52 29.42
C ILE B 176 6.72 -14.54 28.33
N GLU B 177 7.27 -15.68 28.73
CA GLU B 177 7.67 -16.72 27.78
C GLU B 177 6.57 -17.71 27.43
N GLU B 178 5.78 -17.38 26.39
CA GLU B 178 4.64 -18.19 25.91
C GLU B 178 3.30 -17.92 26.62
N GLY B 179 2.89 -16.66 26.65
CA GLY B 179 1.64 -16.33 27.31
C GLY B 179 1.75 -16.51 28.82
N LYS B 180 2.92 -16.92 29.30
CA LYS B 180 3.11 -17.11 30.72
C LYS B 180 4.14 -16.13 31.20
N ILE B 181 3.76 -15.18 32.07
CA ILE B 181 4.77 -14.23 32.60
C ILE B 181 5.72 -15.08 33.41
N VAL B 182 7.02 -15.01 33.13
CA VAL B 182 7.99 -15.77 33.91
C VAL B 182 8.95 -14.92 34.73
N HIS B 183 8.86 -13.60 34.67
CA HIS B 183 9.76 -12.77 35.45
C HIS B 183 9.37 -11.34 35.20
N ILE B 184 9.25 -10.56 36.27
CA ILE B 184 8.94 -9.14 36.14
C ILE B 184 10.19 -8.42 36.61
N SER B 185 10.52 -7.31 35.96
CA SER B 185 11.68 -6.49 36.33
C SER B 185 11.25 -5.02 36.44
N PRO B 186 11.46 -4.39 37.63
CA PRO B 186 11.12 -3.00 37.96
C PRO B 186 11.96 -1.96 37.24
N LEU B 187 11.31 -0.87 36.84
CA LEU B 187 12.01 0.18 36.10
C LEU B 187 13.10 0.92 36.87
N ALA B 188 14.14 1.26 36.13
CA ALA B 188 15.28 1.98 36.64
C ALA B 188 15.78 2.89 35.53
N GLY B 189 16.28 4.07 35.89
CA GLY B 189 16.81 5.00 34.90
C GLY B 189 16.65 6.46 35.26
N SER B 190 17.05 7.36 34.38
CA SER B 190 16.89 8.78 34.64
C SER B 190 15.43 9.11 34.39
N ALA B 191 14.78 8.26 33.58
CA ALA B 191 13.36 8.40 33.18
C ALA B 191 12.31 8.65 34.29
N GLN B 192 11.76 9.85 34.29
CA GLN B 192 10.79 10.22 35.32
C GLN B 192 9.37 9.76 35.06
N HIS B 193 9.19 9.07 33.96
CA HIS B 193 7.88 8.54 33.58
C HIS B 193 8.14 7.65 32.35
N VAL B 194 7.39 6.56 32.25
CA VAL B 194 7.48 5.64 31.12
C VAL B 194 6.03 5.33 30.84
N GLU B 195 5.61 5.51 29.60
CA GLU B 195 4.24 5.29 29.22
C GLU B 195 4.19 5.31 27.72
N GLU B 196 3.51 4.31 27.15
CA GLU B 196 3.33 4.14 25.71
C GLU B 196 4.63 3.87 24.98
N CYS B 197 5.47 3.06 25.59
CA CYS B 197 6.73 2.75 24.98
C CYS B 197 6.60 2.15 23.59
N SER B 198 7.46 2.64 22.69
CA SER B 198 7.55 2.16 21.32
C SER B 198 8.84 1.36 21.34
N CYS B 199 8.71 0.04 21.46
CA CYS B 199 9.86 -0.84 21.58
C CYS B 199 10.32 -1.62 20.31
N TYR B 200 11.61 -1.96 20.26
CA TYR B 200 12.17 -2.68 19.11
C TYR B 200 13.41 -3.54 19.40
N PRO B 201 13.65 -4.58 18.57
CA PRO B 201 14.75 -5.56 18.62
C PRO B 201 16.14 -5.11 18.19
N ARG B 202 16.85 -4.35 19.03
CA ARG B 202 18.19 -3.96 18.61
C ARG B 202 19.24 -4.80 19.31
N TYR B 203 19.09 -6.11 19.13
CA TYR B 203 19.92 -7.21 19.67
C TYR B 203 21.18 -6.83 20.40
N PRO B 204 21.45 -7.48 21.53
CA PRO B 204 20.72 -8.54 22.24
C PRO B 204 19.55 -8.15 23.13
N GLY B 205 19.26 -6.86 23.30
CA GLY B 205 18.15 -6.51 24.17
C GLY B 205 16.95 -5.96 23.41
N VAL B 206 16.23 -5.06 24.08
CA VAL B 206 15.09 -4.39 23.48
C VAL B 206 15.15 -2.91 23.96
N ARG B 207 15.02 -1.94 23.05
CA ARG B 207 15.09 -0.52 23.42
C ARG B 207 13.76 0.28 23.21
N CYS B 208 13.36 1.04 24.21
CA CYS B 208 12.06 1.73 24.13
C CYS B 208 11.98 3.27 24.17
N ILE B 209 11.26 3.83 23.19
CA ILE B 209 11.08 5.27 23.05
C ILE B 209 9.65 5.57 23.44
N CYS B 210 9.51 5.96 24.69
CA CYS B 210 8.21 6.19 25.28
C CYS B 210 7.70 7.61 25.26
N ARG B 211 6.68 7.84 26.06
CA ARG B 211 6.01 9.11 26.23
C ARG B 211 6.14 9.48 27.72
N ASP B 212 5.87 10.75 28.04
CA ASP B 212 5.96 11.29 29.40
C ASP B 212 4.88 12.35 29.53
N ASN B 213 3.81 11.97 30.23
CA ASN B 213 2.67 12.83 30.44
C ASN B 213 2.78 13.72 31.66
N TRP B 214 3.98 13.85 32.22
CA TRP B 214 4.13 14.67 33.41
C TRP B 214 5.06 15.88 33.31
N LYS B 215 6.37 15.65 33.15
CA LYS B 215 7.30 16.78 33.07
C LYS B 215 8.12 16.84 31.81
N GLY B 216 8.20 15.74 31.08
CA GLY B 216 9.01 15.70 29.87
C GLY B 216 8.24 15.80 28.57
N SER B 217 8.92 16.36 27.57
CA SER B 217 8.39 16.52 26.21
C SER B 217 9.55 16.12 25.30
N ASN B 218 10.49 15.38 25.90
CA ASN B 218 11.66 14.83 25.23
C ASN B 218 11.53 13.35 25.64
N ARG B 219 11.22 12.50 24.67
CA ARG B 219 11.02 11.08 24.93
C ARG B 219 12.02 10.39 25.85
N PRO B 220 11.51 9.60 26.82
CA PRO B 220 12.39 8.90 27.73
C PRO B 220 12.76 7.59 27.04
N VAL B 221 14.02 7.17 27.15
CA VAL B 221 14.42 5.89 26.53
C VAL B 221 14.27 4.77 27.57
N VAL B 222 13.96 3.54 27.14
CA VAL B 222 13.85 2.40 28.07
C VAL B 222 14.52 1.19 27.48
N ASP B 223 15.70 0.87 27.97
CA ASP B 223 16.48 -0.26 27.46
C ASP B 223 16.38 -1.47 28.35
N ILE B 224 15.95 -2.57 27.73
CA ILE B 224 15.78 -3.86 28.36
C ILE B 224 16.95 -4.77 27.99
N ASN B 225 17.41 -5.52 28.97
CA ASN B 225 18.51 -6.46 28.79
C ASN B 225 17.77 -7.77 28.87
N MET B 226 17.39 -8.32 27.71
CA MET B 226 16.67 -9.61 27.66
C MET B 226 17.60 -10.74 28.13
N GLU B 227 18.86 -10.37 28.32
CA GLU B 227 19.90 -11.29 28.76
C GLU B 227 19.84 -11.57 30.29
N ASP B 228 19.65 -10.54 31.10
CA ASP B 228 19.65 -10.77 32.55
C ASP B 228 18.52 -10.08 33.31
N TYR B 229 17.58 -9.51 32.55
CA TYR B 229 16.39 -8.84 33.07
C TYR B 229 16.58 -7.40 33.54
N SER B 230 17.84 -7.02 33.81
CA SER B 230 18.18 -5.65 34.23
C SER B 230 17.56 -4.59 33.31
N ILE B 231 17.27 -3.44 33.87
CA ILE B 231 16.68 -2.35 33.08
C ILE B 231 17.63 -1.14 33.07
N ASP B 232 17.28 -0.16 32.25
CA ASP B 232 18.03 1.07 32.14
C ASP B 232 17.11 1.96 31.29
N SER B 233 16.87 3.17 31.78
CA SER B 233 16.02 4.08 31.06
C SER B 233 16.62 5.50 31.11
N SER B 234 17.22 5.95 30.00
CA SER B 234 17.80 7.29 29.95
C SER B 234 16.75 8.25 29.43
N TYR B 235 17.20 9.20 28.61
CA TYR B 235 16.33 10.18 27.94
C TYR B 235 17.04 10.52 26.62
N VAL B 236 16.36 11.10 25.64
CA VAL B 236 17.02 11.39 24.36
C VAL B 236 17.93 12.66 24.22
N CYS B 237 19.18 12.40 23.84
CA CYS B 237 20.18 13.44 23.66
C CYS B 237 19.71 14.53 22.67
N SER B 238 18.96 14.12 21.64
CA SER B 238 18.45 15.05 20.65
C SER B 238 17.82 16.30 21.21
N GLY B 239 18.36 17.43 20.76
CA GLY B 239 17.92 18.73 21.20
C GLY B 239 16.74 19.18 20.38
N LEU B 240 16.47 18.42 19.31
CA LEU B 240 15.36 18.75 18.47
C LEU B 240 14.09 18.52 19.26
N VAL B 241 13.87 17.27 19.64
CA VAL B 241 12.68 16.92 20.42
C VAL B 241 11.41 16.67 19.59
N GLY B 242 10.70 15.61 19.94
CA GLY B 242 9.48 15.28 19.25
C GLY B 242 8.37 14.76 20.16
N ASP B 243 7.56 15.68 20.64
CA ASP B 243 6.48 15.33 21.52
C ASP B 243 5.57 16.52 21.44
N THR B 244 4.27 16.36 21.67
CA THR B 244 3.36 17.52 21.61
C THR B 244 2.35 17.48 22.74
N PRO B 245 2.14 18.62 23.43
CA PRO B 245 2.78 19.94 23.25
C PRO B 245 4.25 19.95 23.55
N ARG B 246 4.98 20.89 22.98
CA ARG B 246 6.41 21.04 23.27
C ARG B 246 6.82 22.48 22.99
N ASN B 247 7.86 22.95 23.68
CA ASN B 247 8.37 24.33 23.58
C ASN B 247 8.34 25.03 22.21
N ASP B 248 9.16 24.58 21.27
CA ASP B 248 9.27 25.19 19.96
C ASP B 248 10.29 24.36 19.17
N ASP B 249 11.43 24.96 18.84
CA ASP B 249 12.48 24.32 18.08
C ASP B 249 13.80 25.01 18.42
N ARG B 250 13.73 26.16 19.08
CA ARG B 250 14.94 26.86 19.49
C ARG B 250 15.13 26.77 21.00
N SER B 251 14.06 26.97 21.77
CA SER B 251 14.15 26.84 23.21
C SER B 251 13.82 25.39 23.60
N SER B 252 13.74 24.51 22.61
CA SER B 252 13.43 23.10 22.82
C SER B 252 14.73 22.51 23.26
N ASN B 253 14.72 21.70 24.31
CA ASN B 253 15.97 21.13 24.80
C ASN B 253 15.85 19.72 25.33
N SER B 254 16.99 19.10 25.61
CA SER B 254 17.12 17.75 26.15
C SER B 254 18.62 17.51 26.44
N ASN B 255 18.91 16.84 27.53
CA ASN B 255 20.28 16.61 27.93
C ASN B 255 20.60 15.15 28.06
N CYS B 256 19.69 14.32 27.56
CA CYS B 256 19.79 12.86 27.60
C CYS B 256 19.51 12.26 28.98
N ARG B 257 19.20 13.09 29.98
CA ARG B 257 18.93 12.48 31.27
C ARG B 257 17.84 12.96 32.25
N ASP B 258 17.23 14.11 32.00
CA ASP B 258 16.22 14.59 32.96
C ASP B 258 15.05 15.21 32.23
N PRO B 259 13.83 15.13 32.82
CA PRO B 259 12.67 15.74 32.14
C PRO B 259 13.12 17.17 31.87
N ASN B 260 12.87 17.70 30.69
CA ASN B 260 13.35 19.07 30.42
C ASN B 260 12.47 20.16 30.98
N ASN B 261 11.22 19.80 31.29
CA ASN B 261 10.25 20.71 31.88
C ASN B 261 9.85 21.87 30.95
N GLU B 262 9.60 21.56 29.67
CA GLU B 262 9.18 22.59 28.73
C GLU B 262 7.91 22.05 28.12
N ARG B 263 6.75 22.49 28.64
CA ARG B 263 5.47 21.98 28.19
C ARG B 263 5.64 20.46 28.33
N GLY B 264 6.39 20.09 29.36
CA GLY B 264 6.70 18.70 29.63
C GLY B 264 5.49 17.91 30.05
N THR B 265 4.35 18.60 30.12
CA THR B 265 3.05 18.04 30.49
C THR B 265 2.71 16.78 29.68
N GLN B 266 1.53 16.75 29.07
CA GLN B 266 1.07 15.60 28.29
C GLN B 266 2.09 15.05 27.29
N GLY B 267 1.56 14.34 26.30
CA GLY B 267 2.39 13.76 25.28
C GLY B 267 1.48 13.09 24.26
N VAL B 268 2.04 12.08 23.60
CA VAL B 268 1.37 11.31 22.57
C VAL B 268 2.28 10.12 22.35
N LYS B 269 1.75 9.01 21.86
CA LYS B 269 2.59 7.86 21.63
C LYS B 269 3.56 8.13 20.47
N GLY B 270 4.85 8.02 20.77
CA GLY B 270 5.82 8.28 19.73
C GLY B 270 6.85 7.20 19.59
N TRP B 271 7.68 7.35 18.55
CA TRP B 271 8.75 6.39 18.24
C TRP B 271 10.03 7.14 17.92
N ALA B 272 11.09 6.37 17.70
CA ALA B 272 12.41 6.87 17.34
C ALA B 272 13.25 5.60 17.18
N PHE B 273 14.39 5.69 16.54
CA PHE B 273 15.23 4.52 16.42
C PHE B 273 16.60 4.98 16.01
N ASP B 274 17.58 4.58 16.80
CA ASP B 274 18.96 4.96 16.59
C ASP B 274 19.59 4.46 15.29
N ASN B 275 20.85 4.86 15.13
CA ASN B 275 21.74 4.47 14.04
C ASN B 275 23.03 5.20 14.33
N GLY B 276 24.00 4.46 14.88
CA GLY B 276 25.27 5.02 15.28
C GLY B 276 25.00 6.13 16.26
N ASN B 277 25.69 7.25 16.07
CA ASN B 277 25.50 8.38 16.95
C ASN B 277 24.36 9.25 16.49
N ASP B 278 23.64 8.83 15.44
CA ASP B 278 22.52 9.61 14.89
C ASP B 278 21.13 9.22 15.41
N LEU B 279 20.07 9.84 14.88
CA LEU B 279 18.70 9.50 15.34
C LEU B 279 17.51 9.70 14.37
N TRP B 280 17.02 8.61 13.76
CA TRP B 280 15.85 8.73 12.89
C TRP B 280 14.61 8.78 13.80
N MET B 281 13.82 9.83 13.69
CA MET B 281 12.67 10.02 14.56
C MET B 281 11.53 10.70 13.81
N GLY B 282 10.39 10.85 14.48
CA GLY B 282 9.24 11.47 13.86
C GLY B 282 8.37 12.13 14.91
N ARG B 283 7.58 13.11 14.52
CA ARG B 283 6.70 13.82 15.45
C ARG B 283 5.62 14.63 14.68
N THR B 284 4.71 15.27 15.41
CA THR B 284 3.71 16.08 14.76
C THR B 284 4.33 17.40 14.32
N ILE B 285 3.84 17.97 13.22
CA ILE B 285 4.40 19.26 12.81
C ILE B 285 3.91 20.26 13.85
N SER B 286 2.63 20.25 14.18
CA SER B 286 2.17 21.18 15.19
C SER B 286 2.71 20.77 16.56
N LYS B 287 3.27 21.74 17.28
CA LYS B 287 3.86 21.51 18.62
C LYS B 287 2.94 21.89 19.79
N ASP B 288 1.67 22.20 19.47
CA ASP B 288 0.65 22.52 20.47
C ASP B 288 -0.40 21.43 20.24
N LEU B 289 -0.89 21.36 19.01
CA LEU B 289 -1.90 20.38 18.55
C LEU B 289 -1.23 19.21 17.83
N ARG B 290 -1.85 18.04 17.89
CA ARG B 290 -1.33 16.84 17.23
C ARG B 290 -1.77 16.84 15.77
N SER B 291 -1.15 17.71 14.97
CA SER B 291 -1.46 17.85 13.54
C SER B 291 -0.19 17.83 12.69
N GLY B 292 -0.29 17.19 11.53
CA GLY B 292 0.84 17.09 10.62
C GLY B 292 1.85 16.08 11.08
N TYR B 293 2.54 15.41 10.17
CA TYR B 293 3.55 14.46 10.60
C TYR B 293 4.77 14.55 9.72
N GLU B 294 5.93 14.62 10.36
CA GLU B 294 7.20 14.73 9.67
C GLU B 294 8.10 13.70 10.30
N THR B 295 9.19 13.37 9.62
CA THR B 295 10.13 12.37 10.12
C THR B 295 11.52 12.78 9.69
N PHE B 296 12.52 12.56 10.53
CA PHE B 296 13.84 12.94 10.14
C PHE B 296 14.96 12.30 10.94
N LYS B 297 16.19 12.66 10.59
CA LYS B 297 17.42 12.16 11.20
C LYS B 297 18.23 13.35 11.74
N VAL B 298 18.61 13.22 13.02
CA VAL B 298 19.39 14.24 13.75
C VAL B 298 20.77 13.63 13.86
N ILE B 299 21.75 14.33 13.31
CA ILE B 299 23.13 13.89 13.35
C ILE B 299 23.60 14.16 14.76
N GLY B 300 24.20 13.14 15.39
CA GLY B 300 24.67 13.30 16.74
C GLY B 300 23.57 13.06 17.75
N GLY B 301 22.32 13.28 17.37
CA GLY B 301 21.16 13.10 18.25
C GLY B 301 20.96 11.87 19.15
N TRP B 302 21.69 10.78 18.97
CA TRP B 302 21.46 9.71 19.91
C TRP B 302 22.53 9.61 21.00
N SER B 303 23.74 10.08 20.69
CA SER B 303 24.85 10.01 21.62
C SER B 303 25.26 11.36 22.17
N THR B 304 24.67 12.43 21.63
CA THR B 304 25.01 13.79 22.05
C THR B 304 23.84 14.66 22.48
N PRO B 305 23.97 15.31 23.65
CA PRO B 305 22.94 16.18 24.20
C PRO B 305 22.63 17.36 23.29
N ASN B 306 21.46 17.96 23.54
CA ASN B 306 20.90 19.13 22.84
C ASN B 306 21.36 19.26 21.42
N SER B 307 20.87 18.37 20.58
CA SER B 307 21.23 18.37 19.19
C SER B 307 20.26 19.16 18.30
N LYS B 308 20.78 19.67 17.18
CA LYS B 308 19.95 20.46 16.28
C LYS B 308 20.39 20.28 14.81
N SER B 309 21.16 19.26 14.54
CA SER B 309 21.59 19.03 13.17
C SER B 309 20.65 18.09 12.41
N GLN B 310 19.46 18.64 12.13
CA GLN B 310 18.37 17.96 11.41
C GLN B 310 18.74 17.86 9.95
N ILE B 311 18.30 16.75 9.34
CA ILE B 311 18.55 16.47 7.92
C ILE B 311 17.59 15.37 7.44
N ASN B 312 17.35 15.36 6.13
CA ASN B 312 16.47 14.38 5.49
C ASN B 312 15.00 14.39 5.89
N ARG B 313 14.47 15.56 6.18
CA ARG B 313 13.05 15.71 6.51
C ARG B 313 12.06 15.12 5.46
N GLN B 314 10.82 14.88 5.88
CA GLN B 314 9.72 14.38 5.05
C GLN B 314 8.41 14.89 5.64
N VAL B 315 7.47 15.33 4.79
CA VAL B 315 6.19 15.83 5.28
C VAL B 315 5.07 14.80 5.25
N ILE B 316 5.41 13.58 5.68
CA ILE B 316 4.55 12.40 5.75
C ILE B 316 3.06 12.70 5.71
N VAL B 317 2.65 13.68 6.51
CA VAL B 317 1.26 14.14 6.61
C VAL B 317 1.38 15.69 6.69
N ASP B 318 0.61 16.44 5.92
CA ASP B 318 0.77 17.89 5.96
C ASP B 318 0.27 18.50 7.21
N SER B 319 0.99 19.54 7.64
CA SER B 319 0.69 20.31 8.84
C SER B 319 -0.66 21.03 8.85
N ASP B 320 -1.40 20.97 7.74
CA ASP B 320 -2.73 21.62 7.63
C ASP B 320 -3.77 20.61 8.03
N ASN B 321 -3.33 19.37 8.12
CA ASN B 321 -4.18 18.26 8.43
C ASN B 321 -4.12 17.91 9.92
N ARG B 322 -4.04 16.62 10.24
CA ARG B 322 -3.98 16.16 11.63
C ARG B 322 -3.61 14.69 11.71
N SER B 323 -2.78 14.35 12.69
CA SER B 323 -2.37 12.95 12.87
C SER B 323 -2.81 12.50 14.28
N GLY B 324 -1.91 11.86 15.03
CA GLY B 324 -2.24 11.42 16.36
C GLY B 324 -1.07 10.65 16.94
N TYR B 325 -1.32 9.36 17.20
CA TYR B 325 -0.33 8.43 17.74
C TYR B 325 0.53 7.91 16.60
N SER B 326 1.56 7.15 16.95
CA SER B 326 2.45 6.58 15.96
C SER B 326 3.37 5.69 16.74
N GLY B 327 3.95 4.72 16.07
CA GLY B 327 4.84 3.82 16.76
C GLY B 327 5.77 3.23 15.74
N ILE B 328 6.84 2.63 16.23
CA ILE B 328 7.79 2.05 15.33
C ILE B 328 7.16 0.69 15.00
N PHE B 329 7.69 0.01 13.98
CA PHE B 329 7.17 -1.26 13.50
C PHE B 329 8.37 -1.91 12.82
N SER B 330 8.95 -2.96 13.42
CA SER B 330 10.10 -3.61 12.79
C SER B 330 9.61 -4.59 11.74
N VAL B 331 10.52 -5.17 10.96
CA VAL B 331 10.16 -6.16 9.94
C VAL B 331 11.42 -6.63 9.20
N GLU B 332 11.96 -7.72 9.72
CA GLU B 332 13.16 -8.38 9.27
C GLU B 332 13.40 -8.62 7.78
N GLY B 333 14.38 -7.89 7.24
CA GLY B 333 14.77 -8.04 5.83
C GLY B 333 15.47 -9.36 5.57
N LYS B 334 16.00 -9.54 4.36
CA LYS B 334 16.69 -10.79 4.00
C LYS B 334 18.18 -10.76 4.30
N SER B 335 18.59 -9.85 5.19
CA SER B 335 19.98 -9.65 5.57
C SER B 335 20.07 -8.64 6.73
N CYS B 336 19.10 -7.74 6.80
CA CYS B 336 19.04 -6.75 7.84
C CYS B 336 17.62 -6.58 8.28
N ILE B 337 17.45 -6.13 9.52
CA ILE B 337 16.15 -5.90 10.13
C ILE B 337 15.78 -4.43 9.88
N ASN B 338 14.76 -4.24 9.06
CA ASN B 338 14.31 -2.91 8.69
C ASN B 338 13.22 -2.49 9.61
N ARG B 339 13.21 -1.20 9.92
CA ARG B 339 12.19 -0.63 10.78
C ARG B 339 11.21 0.03 9.83
N CYS B 340 9.96 0.09 10.28
CA CYS B 340 8.87 0.67 9.55
C CYS B 340 8.18 1.43 10.68
N PHE B 341 7.13 2.21 10.38
CA PHE B 341 6.43 2.97 11.40
C PHE B 341 5.00 3.36 10.93
N TYR B 342 4.06 3.48 11.86
CA TYR B 342 2.69 3.82 11.46
C TYR B 342 2.26 5.17 12.04
N VAL B 343 1.11 5.68 11.59
CA VAL B 343 0.58 6.96 12.07
C VAL B 343 -0.95 7.03 12.04
N GLU B 344 -1.63 6.91 13.19
CA GLU B 344 -3.09 7.01 13.18
C GLU B 344 -3.47 8.46 12.84
N LEU B 345 -4.49 8.66 12.01
CA LEU B 345 -4.94 10.00 11.68
C LEU B 345 -6.33 10.06 12.28
N ILE B 346 -6.42 10.73 13.42
CA ILE B 346 -7.68 10.75 14.13
C ILE B 346 -8.63 11.80 13.68
N ARG B 347 -9.80 11.35 13.25
CA ARG B 347 -10.90 12.22 12.80
C ARG B 347 -12.01 12.06 13.84
N GLY B 348 -12.51 13.15 14.39
CA GLY B 348 -13.57 13.00 15.38
C GLY B 348 -13.82 14.17 16.31
N ARG B 349 -14.62 13.93 17.34
CA ARG B 349 -15.03 14.95 18.30
C ARG B 349 -13.89 15.50 19.17
N LYS B 350 -14.21 16.63 19.79
CA LYS B 350 -13.34 17.43 20.65
C LYS B 350 -12.71 18.41 19.68
N GLN B 351 -12.30 17.92 18.52
CA GLN B 351 -11.72 18.75 17.48
C GLN B 351 -12.85 18.99 16.47
N GLU B 352 -12.93 18.07 15.51
CA GLU B 352 -13.94 18.12 14.48
C GLU B 352 -15.26 17.73 15.11
N THR B 353 -15.79 18.67 15.90
CA THR B 353 -17.04 18.48 16.62
C THR B 353 -18.25 18.69 15.73
N ARG B 354 -18.07 18.45 14.43
CA ARG B 354 -19.15 18.59 13.46
C ARG B 354 -19.96 17.32 13.64
N VAL B 355 -19.25 16.26 13.99
CA VAL B 355 -19.81 14.95 14.22
C VAL B 355 -19.61 14.68 15.71
N TRP B 356 -20.22 13.61 16.23
CA TRP B 356 -20.07 13.29 17.66
C TRP B 356 -19.22 12.03 17.95
N TRP B 357 -18.80 11.31 16.91
CA TRP B 357 -17.97 10.11 17.09
C TRP B 357 -16.50 10.42 16.81
N THR B 358 -15.63 9.52 17.25
CA THR B 358 -14.20 9.63 17.05
C THR B 358 -13.71 8.25 16.60
N SER B 359 -12.91 8.23 15.56
CA SER B 359 -12.33 7.00 15.02
C SER B 359 -11.04 7.48 14.39
N ASN B 360 -10.39 6.63 13.60
CA ASN B 360 -9.12 7.01 12.97
C ASN B 360 -8.72 6.09 11.81
N SER B 361 -7.93 6.63 10.89
CA SER B 361 -7.43 5.91 9.73
C SER B 361 -5.97 5.64 10.09
N ILE B 362 -5.18 5.27 9.11
CA ILE B 362 -3.78 5.01 9.35
C ILE B 362 -3.03 5.14 8.02
N VAL B 363 -1.75 5.46 8.15
CA VAL B 363 -0.83 5.60 7.02
C VAL B 363 0.34 4.88 7.65
N VAL B 364 1.17 4.20 6.85
CA VAL B 364 2.36 3.51 7.38
C VAL B 364 3.51 3.63 6.36
N PHE B 365 4.72 3.86 6.87
CA PHE B 365 5.92 4.00 6.05
C PHE B 365 7.05 3.11 6.55
N CYS B 366 7.76 2.47 5.62
CA CYS B 366 8.90 1.57 5.94
C CYS B 366 10.28 2.18 5.63
N GLY B 367 11.33 1.40 5.88
CA GLY B 367 12.68 1.85 5.63
C GLY B 367 13.16 1.58 4.21
N THR B 368 13.92 2.53 3.67
CA THR B 368 14.46 2.38 2.32
C THR B 368 15.93 2.84 2.20
N SER B 369 16.65 2.15 1.32
CA SER B 369 18.03 2.48 1.00
C SER B 369 18.02 3.01 -0.45
N GLY B 370 16.88 3.54 -0.89
CA GLY B 370 16.75 4.07 -2.25
C GLY B 370 16.11 5.44 -2.25
N THR B 371 15.91 6.05 -3.41
CA THR B 371 15.29 7.39 -3.48
C THR B 371 13.78 7.45 -3.16
N TYR B 372 13.22 8.65 -3.13
CA TYR B 372 11.80 8.87 -2.89
C TYR B 372 11.43 10.28 -3.36
N GLY B 373 10.14 10.57 -3.50
CA GLY B 373 9.73 11.89 -3.94
C GLY B 373 9.29 12.67 -2.72
N THR B 374 8.16 13.38 -2.84
CA THR B 374 7.64 14.16 -1.72
C THR B 374 6.09 14.12 -1.72
N GLY B 375 5.47 14.40 -0.58
CA GLY B 375 4.02 14.39 -0.54
C GLY B 375 3.53 14.31 0.88
N SER B 376 2.24 14.11 1.10
CA SER B 376 1.66 13.99 2.43
C SER B 376 0.40 13.16 2.28
N TRP B 377 0.18 12.20 3.16
CA TRP B 377 -1.01 11.37 3.03
C TRP B 377 -1.90 11.44 4.26
N PRO B 378 -2.97 12.25 4.19
CA PRO B 378 -3.93 12.43 5.27
C PRO B 378 -5.12 11.52 5.15
N ASP B 379 -5.97 11.54 6.17
CA ASP B 379 -7.20 10.77 6.16
C ASP B 379 -7.99 11.32 4.93
N GLY B 380 -8.02 12.65 4.82
CA GLY B 380 -8.67 13.34 3.72
C GLY B 380 -10.07 12.85 3.43
N ALA B 381 -10.98 13.17 4.34
CA ALA B 381 -12.38 12.77 4.25
C ALA B 381 -13.20 13.96 4.61
N ASN B 382 -14.28 14.16 3.87
CA ASN B 382 -15.08 15.32 4.13
C ASN B 382 -15.92 15.18 5.36
N ILE B 383 -15.51 15.88 6.40
CA ILE B 383 -16.26 15.84 7.66
C ILE B 383 -17.70 16.33 7.40
N ASN B 384 -17.93 17.01 6.28
CA ASN B 384 -19.28 17.46 5.97
C ASN B 384 -19.99 16.34 5.22
N PHE B 385 -19.26 15.31 4.88
CA PHE B 385 -19.84 14.16 4.20
C PHE B 385 -20.19 13.12 5.24
N MET B 386 -19.19 12.75 6.04
CA MET B 386 -19.32 11.76 7.11
C MET B 386 -20.66 11.80 7.83
N PRO B 387 -21.11 10.65 8.36
CA PRO B 387 -22.39 10.56 9.10
C PRO B 387 -22.40 11.15 10.53
N ILE B 388 -23.59 11.34 11.08
CA ILE B 388 -23.84 11.91 12.40
C ILE B 388 -23.93 13.44 12.36
#